data_2VKN
# 
_entry.id   2VKN 
# 
_audit_conform.dict_name       mmcif_pdbx.dic 
_audit_conform.dict_version    5.382 
_audit_conform.dict_location   http://mmcif.pdb.org/dictionaries/ascii/mmcif_pdbx.dic 
# 
loop_
_database_2.database_id 
_database_2.database_code 
_database_2.pdbx_database_accession 
_database_2.pdbx_DOI 
PDB   2VKN         pdb_00002vkn 10.2210/pdb2vkn/pdb 
PDBE  EBI-34845    ?            ?                   
WWPDB D_1290034845 ?            ?                   
# 
_pdbx_database_PDB_obs_spr.id               SPRSDE 
_pdbx_database_PDB_obs_spr.date             2008-02-05 
_pdbx_database_PDB_obs_spr.pdb_id           2VKN 
_pdbx_database_PDB_obs_spr.replace_pdb_id   2QK6 
_pdbx_database_PDB_obs_spr.details          ? 
# 
_pdbx_database_status.status_code                     REL 
_pdbx_database_status.entry_id                        2VKN 
_pdbx_database_status.deposit_site                    PDBE 
_pdbx_database_status.process_site                    PDBE 
_pdbx_database_status.SG_entry                        . 
_pdbx_database_status.recvd_initial_deposition_date   2007-12-20 
_pdbx_database_status.pdb_format_compatible           Y 
_pdbx_database_status.status_code_sf                  REL 
_pdbx_database_status.status_code_mr                  ? 
_pdbx_database_status.status_code_cs                  ? 
_pdbx_database_status.methods_development_category    ? 
_pdbx_database_status.status_code_nmr_data            ? 
# 
loop_
_audit_author.name 
_audit_author.pdbx_ordinal 
'Kursula, P.'         1 
'Kursula, I.'         2 
'Song, Y.H.'          3 
'Paraskevopoulos, K.' 4 
'Wilmanns, M.'        5 
# 
_citation.id                        primary 
_citation.title                     'Structural Genomics of Yeast SH3 Domains' 
_citation.journal_abbrev            'To be Published' 
_citation.journal_volume            ? 
_citation.page_first                ? 
_citation.page_last                 ? 
_citation.year                      ? 
_citation.journal_id_ASTM           ? 
_citation.country                   ? 
_citation.journal_id_ISSN           ? 
_citation.journal_id_CSD            0353 
_citation.book_publisher            ? 
_citation.pdbx_database_id_PubMed   ? 
_citation.pdbx_database_id_DOI      ? 
# 
loop_
_citation_author.citation_id 
_citation_author.name 
_citation_author.ordinal 
_citation_author.identifier_ORCID 
primary 'Kursula, P.'  1 ? 
primary 'Kursula, I.'  2 ? 
primary 'Pinotsis, N.' 3 ? 
primary 'Song, Y.H.'   4 ? 
primary 'Lehmann, F.'  5 ? 
primary 'Zou, P.'      6 ? 
primary 'Wilmanns, M.' 7 ? 
# 
_cell.entry_id           2VKN 
_cell.length_a           67.490 
_cell.length_b           67.490 
_cell.length_c           33.170 
_cell.angle_alpha        90.00 
_cell.angle_beta         90.00 
_cell.angle_gamma        120.00 
_cell.Z_PDB              6 
_cell.pdbx_unique_axis   ? 
# 
_symmetry.entry_id                         2VKN 
_symmetry.space_group_name_H-M             'P 65' 
_symmetry.pdbx_full_space_group_name_H-M   ? 
_symmetry.cell_setting                     ? 
_symmetry.Int_Tables_number                170 
# 
loop_
_entity.id 
_entity.type 
_entity.src_method 
_entity.pdbx_description 
_entity.formula_weight 
_entity.pdbx_number_of_molecules 
_entity.pdbx_ec 
_entity.pdbx_mutation 
_entity.pdbx_fragment 
_entity.details 
1 polymer     man 'PROTEIN SSU81'          8204.886 1  ?        ? 'SH3 DOMAIN, RESIDUES 298-367'       ? 
2 polymer     syn 'MAP KINASE KINASE PBS2' 1204.438 1  2.7.12.2 ? 'PROLINE-RICH DOMAIN, RESIDUES 2-13' ? 
3 non-polymer syn 'SULFATE ION'            96.063   3  ?        ? ?                                    ? 
4 water       nat water                    18.015   37 ?        ? ?                                    ? 
# 
loop_
_entity_name_com.entity_id 
_entity_name_com.name 
1 'SHO1 OSMOSENSOR, SHO1'                                                        
2 'POLYMYXIN B RESISTANCE PROTEIN 2, SUPPRESSOR OF FLUORIDE SENSITIVITY 4, PBS2' 
# 
loop_
_entity_poly.entity_id 
_entity_poly.type 
_entity_poly.nstd_linkage 
_entity_poly.nstd_monomer 
_entity_poly.pdbx_seq_one_letter_code 
_entity_poly.pdbx_seq_one_letter_code_can 
_entity_poly.pdbx_strand_id 
_entity_poly.pdbx_target_identifier 
1 'polypeptide(L)' no no DDNFIYKAKALYPYDADDDDAYEISFEQNEILQVSDIEGRWWKARRANGETGIIPSNYVQLIDGPEEMHR 
DDNFIYKAKALYPYDADDDDAYEISFEQNEILQVSDIEGRWWKARRANGETGIIPSNYVQLIDGPEEMHR A ? 
2 'polypeptide(L)' no no NKPLPPLPLAGS                                                           NKPLPPLPLAGS C ? 
# 
loop_
_entity_poly_seq.entity_id 
_entity_poly_seq.num 
_entity_poly_seq.mon_id 
_entity_poly_seq.hetero 
1 1  ASP n 
1 2  ASP n 
1 3  ASN n 
1 4  PHE n 
1 5  ILE n 
1 6  TYR n 
1 7  LYS n 
1 8  ALA n 
1 9  LYS n 
1 10 ALA n 
1 11 LEU n 
1 12 TYR n 
1 13 PRO n 
1 14 TYR n 
1 15 ASP n 
1 16 ALA n 
1 17 ASP n 
1 18 ASP n 
1 19 ASP n 
1 20 ASP n 
1 21 ALA n 
1 22 TYR n 
1 23 GLU n 
1 24 ILE n 
1 25 SER n 
1 26 PHE n 
1 27 GLU n 
1 28 GLN n 
1 29 ASN n 
1 30 GLU n 
1 31 ILE n 
1 32 LEU n 
1 33 GLN n 
1 34 VAL n 
1 35 SER n 
1 36 ASP n 
1 37 ILE n 
1 38 GLU n 
1 39 GLY n 
1 40 ARG n 
1 41 TRP n 
1 42 TRP n 
1 43 LYS n 
1 44 ALA n 
1 45 ARG n 
1 46 ARG n 
1 47 ALA n 
1 48 ASN n 
1 49 GLY n 
1 50 GLU n 
1 51 THR n 
1 52 GLY n 
1 53 ILE n 
1 54 ILE n 
1 55 PRO n 
1 56 SER n 
1 57 ASN n 
1 58 TYR n 
1 59 VAL n 
1 60 GLN n 
1 61 LEU n 
1 62 ILE n 
1 63 ASP n 
1 64 GLY n 
1 65 PRO n 
1 66 GLU n 
1 67 GLU n 
1 68 MET n 
1 69 HIS n 
1 70 ARG n 
2 1  ASN n 
2 2  LYS n 
2 3  PRO n 
2 4  LEU n 
2 5  PRO n 
2 6  PRO n 
2 7  LEU n 
2 8  PRO n 
2 9  LEU n 
2 10 ALA n 
2 11 GLY n 
2 12 SER n 
# 
_entity_src_gen.entity_id                          1 
_entity_src_gen.pdbx_src_id                        1 
_entity_src_gen.pdbx_alt_source_flag               sample 
_entity_src_gen.pdbx_seq_type                      ? 
_entity_src_gen.pdbx_beg_seq_num                   ? 
_entity_src_gen.pdbx_end_seq_num                   ? 
_entity_src_gen.gene_src_common_name               
;BAKER'S YEAST
;
_entity_src_gen.gene_src_genus                     ? 
_entity_src_gen.pdbx_gene_src_gene                 ? 
_entity_src_gen.gene_src_species                   ? 
_entity_src_gen.gene_src_strain                    ? 
_entity_src_gen.gene_src_tissue                    ? 
_entity_src_gen.gene_src_tissue_fraction           ? 
_entity_src_gen.gene_src_details                   ? 
_entity_src_gen.pdbx_gene_src_fragment             ? 
_entity_src_gen.pdbx_gene_src_scientific_name      'SACCHAROMYCES CEREVISIAE' 
_entity_src_gen.pdbx_gene_src_ncbi_taxonomy_id     4932 
_entity_src_gen.pdbx_gene_src_variant              ? 
_entity_src_gen.pdbx_gene_src_cell_line            ? 
_entity_src_gen.pdbx_gene_src_atcc                 ? 
_entity_src_gen.pdbx_gene_src_organ                ? 
_entity_src_gen.pdbx_gene_src_organelle            ? 
_entity_src_gen.pdbx_gene_src_cell                 ? 
_entity_src_gen.pdbx_gene_src_cellular_location    ? 
_entity_src_gen.host_org_common_name               ? 
_entity_src_gen.pdbx_host_org_scientific_name      'ESCHERICHIA COLI' 
_entity_src_gen.pdbx_host_org_ncbi_taxonomy_id     562 
_entity_src_gen.host_org_genus                     ? 
_entity_src_gen.pdbx_host_org_gene                 ? 
_entity_src_gen.pdbx_host_org_organ                ? 
_entity_src_gen.host_org_species                   ? 
_entity_src_gen.pdbx_host_org_tissue               ? 
_entity_src_gen.pdbx_host_org_tissue_fraction      ? 
_entity_src_gen.pdbx_host_org_strain               ? 
_entity_src_gen.pdbx_host_org_variant              ? 
_entity_src_gen.pdbx_host_org_cell_line            ? 
_entity_src_gen.pdbx_host_org_atcc                 ? 
_entity_src_gen.pdbx_host_org_culture_collection   ? 
_entity_src_gen.pdbx_host_org_cell                 ? 
_entity_src_gen.pdbx_host_org_organelle            ? 
_entity_src_gen.pdbx_host_org_cellular_location    ? 
_entity_src_gen.pdbx_host_org_vector_type          PLASMID 
_entity_src_gen.pdbx_host_org_vector               ? 
_entity_src_gen.host_org_details                   ? 
_entity_src_gen.expression_system_id               ? 
_entity_src_gen.plasmid_name                       ? 
_entity_src_gen.plasmid_details                    ? 
_entity_src_gen.pdbx_description                   ? 
# 
_pdbx_entity_src_syn.entity_id              2 
_pdbx_entity_src_syn.pdbx_src_id            1 
_pdbx_entity_src_syn.pdbx_alt_source_flag   sample 
_pdbx_entity_src_syn.pdbx_beg_seq_num       ? 
_pdbx_entity_src_syn.pdbx_end_seq_num       ? 
_pdbx_entity_src_syn.organism_scientific    'SACCHAROMYCES CEREVISIAE' 
_pdbx_entity_src_syn.organism_common_name   
;BAKER'S YEAST
;
_pdbx_entity_src_syn.ncbi_taxonomy_id       4932 
_pdbx_entity_src_syn.details                ? 
# 
loop_
_struct_ref.id 
_struct_ref.db_name 
_struct_ref.db_code 
_struct_ref.entity_id 
_struct_ref.pdbx_seq_one_letter_code 
_struct_ref.pdbx_align_begin 
_struct_ref.pdbx_db_accession 
_struct_ref.pdbx_db_isoform 
1 UNP SSU81_YEAST 1 ? ? P40073 ? 
2 UNP PBS2_YEAST  2 ? ? P08018 ? 
# 
loop_
_struct_ref_seq.align_id 
_struct_ref_seq.ref_id 
_struct_ref_seq.pdbx_PDB_id_code 
_struct_ref_seq.pdbx_strand_id 
_struct_ref_seq.seq_align_beg 
_struct_ref_seq.pdbx_seq_align_beg_ins_code 
_struct_ref_seq.seq_align_end 
_struct_ref_seq.pdbx_seq_align_end_ins_code 
_struct_ref_seq.pdbx_db_accession 
_struct_ref_seq.db_align_beg 
_struct_ref_seq.pdbx_db_align_beg_ins_code 
_struct_ref_seq.db_align_end 
_struct_ref_seq.pdbx_db_align_end_ins_code 
_struct_ref_seq.pdbx_auth_seq_align_beg 
_struct_ref_seq.pdbx_auth_seq_align_end 
1 1 2VKN A 1 ? 70 ? P40073 298 ? 367 ? 0 69 
2 2 2VKN C 1 ? 12 ? P08018 92  ? 103 ? 2 13 
# 
_struct_ref_seq_dif.align_id                     2 
_struct_ref_seq_dif.pdbx_pdb_id_code             2VKN 
_struct_ref_seq_dif.mon_id                       LEU 
_struct_ref_seq_dif.pdbx_pdb_strand_id           C 
_struct_ref_seq_dif.seq_num                      9 
_struct_ref_seq_dif.pdbx_pdb_ins_code            ? 
_struct_ref_seq_dif.pdbx_seq_db_name             UNP 
_struct_ref_seq_dif.pdbx_seq_db_accession_code   P08018 
_struct_ref_seq_dif.db_mon_id                    VAL 
_struct_ref_seq_dif.pdbx_seq_db_seq_num          100 
_struct_ref_seq_dif.details                      conflict 
_struct_ref_seq_dif.pdbx_auth_seq_num            10 
_struct_ref_seq_dif.pdbx_ordinal                 1 
# 
loop_
_chem_comp.id 
_chem_comp.type 
_chem_comp.mon_nstd_flag 
_chem_comp.name 
_chem_comp.pdbx_synonyms 
_chem_comp.formula 
_chem_comp.formula_weight 
ALA 'L-peptide linking' y ALANINE         ? 'C3 H7 N O2'     89.093  
ARG 'L-peptide linking' y ARGININE        ? 'C6 H15 N4 O2 1' 175.209 
ASN 'L-peptide linking' y ASPARAGINE      ? 'C4 H8 N2 O3'    132.118 
ASP 'L-peptide linking' y 'ASPARTIC ACID' ? 'C4 H7 N O4'     133.103 
GLN 'L-peptide linking' y GLUTAMINE       ? 'C5 H10 N2 O3'   146.144 
GLU 'L-peptide linking' y 'GLUTAMIC ACID' ? 'C5 H9 N O4'     147.129 
GLY 'peptide linking'   y GLYCINE         ? 'C2 H5 N O2'     75.067  
HIS 'L-peptide linking' y HISTIDINE       ? 'C6 H10 N3 O2 1' 156.162 
HOH non-polymer         . WATER           ? 'H2 O'           18.015  
ILE 'L-peptide linking' y ISOLEUCINE      ? 'C6 H13 N O2'    131.173 
LEU 'L-peptide linking' y LEUCINE         ? 'C6 H13 N O2'    131.173 
LYS 'L-peptide linking' y LYSINE          ? 'C6 H15 N2 O2 1' 147.195 
MET 'L-peptide linking' y METHIONINE      ? 'C5 H11 N O2 S'  149.211 
PHE 'L-peptide linking' y PHENYLALANINE   ? 'C9 H11 N O2'    165.189 
PRO 'L-peptide linking' y PROLINE         ? 'C5 H9 N O2'     115.130 
SER 'L-peptide linking' y SERINE          ? 'C3 H7 N O3'     105.093 
SO4 non-polymer         . 'SULFATE ION'   ? 'O4 S -2'        96.063  
THR 'L-peptide linking' y THREONINE       ? 'C4 H9 N O3'     119.119 
TRP 'L-peptide linking' y TRYPTOPHAN      ? 'C11 H12 N2 O2'  204.225 
TYR 'L-peptide linking' y TYROSINE        ? 'C9 H11 N O3'    181.189 
VAL 'L-peptide linking' y VALINE          ? 'C5 H11 N O2'    117.146 
# 
_exptl.entry_id          2VKN 
_exptl.method            'X-RAY DIFFRACTION' 
_exptl.crystals_number   1 
# 
_exptl_crystal.id                    1 
_exptl_crystal.density_meas          ? 
_exptl_crystal.density_Matthews      2.34 
_exptl_crystal.density_percent_sol   47.08 
_exptl_crystal.description           NONE 
# 
_exptl_crystal_grow.crystal_id      1 
_exptl_crystal_grow.method          'VAPOR DIFFUSION, HANGING DROP' 
_exptl_crystal_grow.temp            ? 
_exptl_crystal_grow.temp_details    ? 
_exptl_crystal_grow.pH              8.5 
_exptl_crystal_grow.pdbx_pH_range   ? 
_exptl_crystal_grow.pdbx_details    '2.3M AMMONIUM SULPHATE, 0.1M TRIS-HCL, PH 8.5, VAPOR DIFFUSION, HANGING DROP' 
# 
_diffrn.id                     1 
_diffrn.ambient_temp           100 
_diffrn.ambient_temp_details   ? 
_diffrn.crystal_id             1 
# 
_diffrn_detector.diffrn_id              1 
_diffrn_detector.detector               CCD 
_diffrn_detector.type                   MARRESEARCH 
_diffrn_detector.pdbx_collection_date   2006-11-14 
_diffrn_detector.details                ? 
# 
_diffrn_radiation.diffrn_id                        1 
_diffrn_radiation.wavelength_id                    1 
_diffrn_radiation.pdbx_monochromatic_or_laue_m_l   M 
_diffrn_radiation.monochromator                    ? 
_diffrn_radiation.pdbx_diffrn_protocol             'SINGLE WAVELENGTH' 
_diffrn_radiation.pdbx_scattering_type             x-ray 
# 
_diffrn_radiation_wavelength.id           1 
_diffrn_radiation_wavelength.wavelength   1.25 
_diffrn_radiation_wavelength.wt           1.0 
# 
_diffrn_source.diffrn_id                   1 
_diffrn_source.source                      SYNCHROTRON 
_diffrn_source.type                        'ESRF BEAMLINE BM14' 
_diffrn_source.pdbx_synchrotron_site       ESRF 
_diffrn_source.pdbx_synchrotron_beamline   BM14 
_diffrn_source.pdbx_wavelength             1.25 
_diffrn_source.pdbx_wavelength_list        ? 
# 
_reflns.pdbx_diffrn_id               1 
_reflns.pdbx_ordinal                 1 
_reflns.entry_id                     2VKN 
_reflns.observed_criterion_sigma_I   -3.0 
_reflns.observed_criterion_sigma_F   ? 
_reflns.d_resolution_low             20.00 
_reflns.d_resolution_high            2.05 
_reflns.number_obs                   5525 
_reflns.number_all                   ? 
_reflns.percent_possible_obs         99.7 
_reflns.pdbx_Rmerge_I_obs            0.08 
_reflns.pdbx_Rsym_value              ? 
_reflns.pdbx_netI_over_sigmaI        14.80 
_reflns.B_iso_Wilson_estimate        ? 
_reflns.pdbx_redundancy              5.5 
# 
_reflns_shell.pdbx_diffrn_id         1 
_reflns_shell.pdbx_ordinal           1 
_reflns_shell.d_res_high             2.05 
_reflns_shell.d_res_low              2.10 
_reflns_shell.percent_possible_all   100.0 
_reflns_shell.Rmerge_I_obs           0.62 
_reflns_shell.pdbx_Rsym_value        ? 
_reflns_shell.meanI_over_sigI_obs    2.80 
_reflns_shell.pdbx_redundancy        5.5 
# 
_refine.pdbx_refine_id                           'X-RAY DIFFRACTION' 
_refine.entry_id                                 2VKN 
_refine.pdbx_diffrn_id                           1 
_refine.pdbx_TLS_residual_ADP_flag               'LIKELY RESIDUAL' 
_refine.ls_number_reflns_obs                     5233 
_refine.ls_number_reflns_all                     ? 
_refine.pdbx_ls_sigma_I                          ? 
_refine.pdbx_ls_sigma_F                          ? 
_refine.pdbx_data_cutoff_high_absF               ? 
_refine.pdbx_data_cutoff_low_absF                ? 
_refine.pdbx_data_cutoff_high_rms_absF           ? 
_refine.ls_d_res_low                             10.00 
_refine.ls_d_res_high                            2.05 
_refine.ls_percent_reflns_obs                    99.8 
_refine.ls_R_factor_obs                          0.171 
_refine.ls_R_factor_all                          ? 
_refine.ls_R_factor_R_work                       0.168 
_refine.ls_R_factor_R_free                       0.238 
_refine.ls_R_factor_R_free_error                 ? 
_refine.ls_R_factor_R_free_error_details         ? 
_refine.ls_percent_reflns_R_free                 4.400 
_refine.ls_number_reflns_R_free                  243 
_refine.ls_number_parameters                     ? 
_refine.ls_number_restraints                     ? 
_refine.occupancy_min                            ? 
_refine.occupancy_max                            ? 
_refine.correlation_coeff_Fo_to_Fc               0.972 
_refine.correlation_coeff_Fo_to_Fc_free          0.930 
_refine.B_iso_mean                               28.60 
_refine.aniso_B[1][1]                            0.85000 
_refine.aniso_B[2][2]                            0.85000 
_refine.aniso_B[3][3]                            -1.27000 
_refine.aniso_B[1][2]                            0.42000 
_refine.aniso_B[1][3]                            0.00000 
_refine.aniso_B[2][3]                            0.00000 
_refine.solvent_model_details                    'BABINET MODEL WITH MASK' 
_refine.solvent_model_param_ksol                 ? 
_refine.solvent_model_param_bsol                 ? 
_refine.pdbx_solvent_vdw_probe_radii             1.20 
_refine.pdbx_solvent_ion_probe_radii             0.80 
_refine.pdbx_solvent_shrinkage_radii             0.80 
_refine.pdbx_ls_cross_valid_method               THROUGHOUT 
_refine.details                                  'HYDROGENS HAVE BEEN ADDED IN THE RIDING POSITIONS.' 
_refine.pdbx_starting_model                      'PDB ENTRY 2QK6' 
_refine.pdbx_method_to_determine_struct          'MOLECULAR REPLACEMENT' 
_refine.pdbx_isotropic_thermal_model             ? 
_refine.pdbx_stereochemistry_target_values       'MAXIMUM LIKELIHOOD' 
_refine.pdbx_stereochem_target_val_spec_case     ? 
_refine.pdbx_R_Free_selection_details            RANDOM 
_refine.pdbx_overall_ESU_R                       0.178 
_refine.pdbx_overall_ESU_R_Free                  0.177 
_refine.overall_SU_ML                            0.139 
_refine.pdbx_overall_phase_error                 ? 
_refine.overall_SU_B                             10.906 
_refine.overall_SU_R_Cruickshank_DPI             ? 
_refine.pdbx_overall_SU_R_free_Cruickshank_DPI   ? 
_refine.pdbx_overall_SU_R_Blow_DPI               ? 
_refine.pdbx_overall_SU_R_free_Blow_DPI          ? 
# 
_refine_hist.pdbx_refine_id                   'X-RAY DIFFRACTION' 
_refine_hist.cycle_id                         LAST 
_refine_hist.pdbx_number_atoms_protein        605 
_refine_hist.pdbx_number_atoms_nucleic_acid   0 
_refine_hist.pdbx_number_atoms_ligand         15 
_refine_hist.number_atoms_solvent             37 
_refine_hist.number_atoms_total               657 
_refine_hist.d_res_high                       2.05 
_refine_hist.d_res_low                        10.00 
# 
loop_
_refine_ls_restr.type 
_refine_ls_restr.dev_ideal 
_refine_ls_restr.dev_ideal_target 
_refine_ls_restr.weight 
_refine_ls_restr.number 
_refine_ls_restr.pdbx_refine_id 
_refine_ls_restr.pdbx_restraint_function 
r_bond_refined_d             0.012  0.022  ? 642  'X-RAY DIFFRACTION' ? 
r_bond_other_d               0.001  0.020  ? 434  'X-RAY DIFFRACTION' ? 
r_angle_refined_deg          1.444  1.999  ? 877  'X-RAY DIFFRACTION' ? 
r_angle_other_deg            0.928  3.000  ? 1058 'X-RAY DIFFRACTION' ? 
r_dihedral_angle_1_deg       6.575  5.000  ? 75   'X-RAY DIFFRACTION' ? 
r_dihedral_angle_2_deg       43.012 25.000 ? 34   'X-RAY DIFFRACTION' ? 
r_dihedral_angle_3_deg       18.186 15.000 ? 100  'X-RAY DIFFRACTION' ? 
r_dihedral_angle_4_deg       18.028 15.000 ? 4    'X-RAY DIFFRACTION' ? 
r_chiral_restr               0.077  0.200  ? 88   'X-RAY DIFFRACTION' ? 
r_gen_planes_refined         0.004  0.020  ? 703  'X-RAY DIFFRACTION' ? 
r_gen_planes_other           0.001  0.020  ? 123  'X-RAY DIFFRACTION' ? 
r_nbd_refined                0.167  0.200  ? 103  'X-RAY DIFFRACTION' ? 
r_nbd_other                  0.193  0.200  ? 432  'X-RAY DIFFRACTION' ? 
r_nbtor_refined              0.178  0.200  ? 288  'X-RAY DIFFRACTION' ? 
r_nbtor_other                0.088  0.200  ? 354  'X-RAY DIFFRACTION' ? 
r_xyhbond_nbd_refined        0.149  0.200  ? 24   'X-RAY DIFFRACTION' ? 
r_xyhbond_nbd_other          ?      ?      ? ?    'X-RAY DIFFRACTION' ? 
r_metal_ion_refined          ?      ?      ? ?    'X-RAY DIFFRACTION' ? 
r_metal_ion_other            ?      ?      ? ?    'X-RAY DIFFRACTION' ? 
r_symmetry_vdw_refined       0.138  0.200  ? 7    'X-RAY DIFFRACTION' ? 
r_symmetry_vdw_other         0.167  0.200  ? 22   'X-RAY DIFFRACTION' ? 
r_symmetry_hbond_refined     0.118  0.200  ? 5    'X-RAY DIFFRACTION' ? 
r_symmetry_hbond_other       ?      ?      ? ?    'X-RAY DIFFRACTION' ? 
r_symmetry_metal_ion_refined ?      ?      ? ?    'X-RAY DIFFRACTION' ? 
r_symmetry_metal_ion_other   ?      ?      ? ?    'X-RAY DIFFRACTION' ? 
r_mcbond_it                  1.368  2.000  ? 483  'X-RAY DIFFRACTION' ? 
r_mcbond_other               ?      ?      ? ?    'X-RAY DIFFRACTION' ? 
r_mcangle_it                 1.986  4.000  ? 611  'X-RAY DIFFRACTION' ? 
r_mcangle_other              ?      ?      ? ?    'X-RAY DIFFRACTION' ? 
r_scbond_it                  3.389  6.000  ? 317  'X-RAY DIFFRACTION' ? 
r_scbond_other               ?      ?      ? ?    'X-RAY DIFFRACTION' ? 
r_scangle_it                 4.746  8.000  ? 265  'X-RAY DIFFRACTION' ? 
r_scangle_other              ?      ?      ? ?    'X-RAY DIFFRACTION' ? 
r_long_range_B_refined       ?      ?      ? ?    'X-RAY DIFFRACTION' ? 
r_long_range_B_other         ?      ?      ? ?    'X-RAY DIFFRACTION' ? 
r_rigid_bond_restr           ?      ?      ? ?    'X-RAY DIFFRACTION' ? 
r_sphericity_free            ?      ?      ? ?    'X-RAY DIFFRACTION' ? 
r_sphericity_bonded          ?      ?      ? ?    'X-RAY DIFFRACTION' ? 
# 
_refine_ls_shell.pdbx_refine_id                   'X-RAY DIFFRACTION' 
_refine_ls_shell.pdbx_total_number_of_bins_used   20 
_refine_ls_shell.d_res_high                       2.05 
_refine_ls_shell.d_res_low                        2.10 
_refine_ls_shell.number_reflns_R_work             377 
_refine_ls_shell.R_factor_R_work                  0.3120 
_refine_ls_shell.percent_reflns_obs               ? 
_refine_ls_shell.R_factor_R_free                  0.2930 
_refine_ls_shell.R_factor_R_free_error            ? 
_refine_ls_shell.percent_reflns_R_free            ? 
_refine_ls_shell.number_reflns_R_free             15 
_refine_ls_shell.number_reflns_all                ? 
_refine_ls_shell.R_factor_all                     ? 
# 
_struct.entry_id                  2VKN 
_struct.title                     'YEAST SHO1 SH3 DOMAIN COMPLEXED WITH A PEPTIDE FROM PBS2' 
_struct.pdbx_model_details        ? 
_struct.pdbx_CASP_flag            ? 
_struct.pdbx_model_type_details   ? 
# 
_struct_keywords.entry_id        2VKN 
_struct_keywords.pdbx_keywords   'MEMBRANE PROTEIN' 
_struct_keywords.text            'MEMBRANE, SH3 DOMAIN, S. CEREVISIAE, TRANSMEMBRANE, MEMBRANE PROTEIN' 
# 
loop_
_struct_asym.id 
_struct_asym.pdbx_blank_PDB_chainid_flag 
_struct_asym.pdbx_modified 
_struct_asym.entity_id 
_struct_asym.details 
A N N 1 ? 
B N N 2 ? 
C N N 3 ? 
D N N 3 ? 
E N N 3 ? 
F N N 4 ? 
G N N 4 ? 
# 
_struct_biol.id   1 
# 
_struct_mon_prot_cis.pdbx_id                1 
_struct_mon_prot_cis.label_comp_id          GLY 
_struct_mon_prot_cis.label_seq_id           64 
_struct_mon_prot_cis.label_asym_id          A 
_struct_mon_prot_cis.label_alt_id           . 
_struct_mon_prot_cis.pdbx_PDB_ins_code      ? 
_struct_mon_prot_cis.auth_comp_id           GLY 
_struct_mon_prot_cis.auth_seq_id            63 
_struct_mon_prot_cis.auth_asym_id           A 
_struct_mon_prot_cis.pdbx_label_comp_id_2   PRO 
_struct_mon_prot_cis.pdbx_label_seq_id_2    65 
_struct_mon_prot_cis.pdbx_label_asym_id_2   A 
_struct_mon_prot_cis.pdbx_PDB_ins_code_2    ? 
_struct_mon_prot_cis.pdbx_auth_comp_id_2    PRO 
_struct_mon_prot_cis.pdbx_auth_seq_id_2     64 
_struct_mon_prot_cis.pdbx_auth_asym_id_2    A 
_struct_mon_prot_cis.pdbx_PDB_model_num     1 
_struct_mon_prot_cis.pdbx_omega_angle       2.08 
# 
_struct_sheet.id               AA 
_struct_sheet.type             ? 
_struct_sheet.number_strands   5 
_struct_sheet.details          ? 
# 
loop_
_struct_sheet_order.sheet_id 
_struct_sheet_order.range_id_1 
_struct_sheet_order.range_id_2 
_struct_sheet_order.offset 
_struct_sheet_order.sense 
AA 1 2 ? anti-parallel 
AA 2 3 ? anti-parallel 
AA 3 4 ? anti-parallel 
AA 4 5 ? anti-parallel 
# 
loop_
_struct_sheet_range.sheet_id 
_struct_sheet_range.id 
_struct_sheet_range.beg_label_comp_id 
_struct_sheet_range.beg_label_asym_id 
_struct_sheet_range.beg_label_seq_id 
_struct_sheet_range.pdbx_beg_PDB_ins_code 
_struct_sheet_range.end_label_comp_id 
_struct_sheet_range.end_label_asym_id 
_struct_sheet_range.end_label_seq_id 
_struct_sheet_range.pdbx_end_PDB_ins_code 
_struct_sheet_range.beg_auth_comp_id 
_struct_sheet_range.beg_auth_asym_id 
_struct_sheet_range.beg_auth_seq_id 
_struct_sheet_range.end_auth_comp_id 
_struct_sheet_range.end_auth_asym_id 
_struct_sheet_range.end_auth_seq_id 
AA 1 THR A 51 ? PRO A 55 ? THR A 50 PRO A 54 
AA 2 TRP A 41 ? ARG A 45 ? TRP A 40 ARG A 44 
AA 3 ILE A 31 ? SER A 35 ? ILE A 30 SER A 34 
AA 4 ILE A 5  ? ALA A 10 ? ILE A 4  ALA A 9  
AA 5 VAL A 59 ? GLU A 66 ? VAL A 58 GLU A 65 
# 
loop_
_pdbx_struct_sheet_hbond.sheet_id 
_pdbx_struct_sheet_hbond.range_id_1 
_pdbx_struct_sheet_hbond.range_id_2 
_pdbx_struct_sheet_hbond.range_1_label_atom_id 
_pdbx_struct_sheet_hbond.range_1_label_comp_id 
_pdbx_struct_sheet_hbond.range_1_label_asym_id 
_pdbx_struct_sheet_hbond.range_1_label_seq_id 
_pdbx_struct_sheet_hbond.range_1_PDB_ins_code 
_pdbx_struct_sheet_hbond.range_1_auth_atom_id 
_pdbx_struct_sheet_hbond.range_1_auth_comp_id 
_pdbx_struct_sheet_hbond.range_1_auth_asym_id 
_pdbx_struct_sheet_hbond.range_1_auth_seq_id 
_pdbx_struct_sheet_hbond.range_2_label_atom_id 
_pdbx_struct_sheet_hbond.range_2_label_comp_id 
_pdbx_struct_sheet_hbond.range_2_label_asym_id 
_pdbx_struct_sheet_hbond.range_2_label_seq_id 
_pdbx_struct_sheet_hbond.range_2_PDB_ins_code 
_pdbx_struct_sheet_hbond.range_2_auth_atom_id 
_pdbx_struct_sheet_hbond.range_2_auth_comp_id 
_pdbx_struct_sheet_hbond.range_2_auth_asym_id 
_pdbx_struct_sheet_hbond.range_2_auth_seq_id 
AA 1 2 N ILE A 54 ? N ILE A 53 O TRP A 42 ? O TRP A 41 
AA 2 3 N ARG A 45 ? N ARG A 44 O GLN A 33 ? O GLN A 32 
AA 3 4 N VAL A 34 ? N VAL A 33 O TYR A 6  ? O TYR A 5  
AA 4 5 N LYS A 9  ? N LYS A 8  O GLN A 60 ? O GLN A 59 
# 
loop_
_struct_site.id 
_struct_site.pdbx_evidence_code 
_struct_site.pdbx_auth_asym_id 
_struct_site.pdbx_auth_comp_id 
_struct_site.pdbx_auth_seq_id 
_struct_site.pdbx_auth_ins_code 
_struct_site.pdbx_num_residues 
_struct_site.details 
AC1 Software ? ? ? ? 3 'BINDING SITE FOR RESIDUE SO4 A1067' 
AC2 Software ? ? ? ? 3 'BINDING SITE FOR RESIDUE SO4 C1012' 
AC3 Software ? ? ? ? 4 'BINDING SITE FOR RESIDUE SO4 C1013' 
# 
loop_
_struct_site_gen.id 
_struct_site_gen.site_id 
_struct_site_gen.pdbx_num_res 
_struct_site_gen.label_comp_id 
_struct_site_gen.label_asym_id 
_struct_site_gen.label_seq_id 
_struct_site_gen.pdbx_auth_ins_code 
_struct_site_gen.auth_comp_id 
_struct_site_gen.auth_asym_id 
_struct_site_gen.auth_seq_id 
_struct_site_gen.label_atom_id 
_struct_site_gen.label_alt_id 
_struct_site_gen.symmetry 
_struct_site_gen.details 
1  AC1 3 GLY A 39 ? GLY A 38   . ? 1_555 ? 
2  AC1 3 ARG A 40 ? ARG A 39   . ? 1_555 ? 
3  AC1 3 TRP A 41 ? TRP A 40   . ? 1_555 ? 
4  AC2 3 ARG A 40 ? ARG A 39   . ? 1_555 ? 
5  AC2 3 PRO B 3  ? PRO C 4    . ? 1_555 ? 
6  AC2 3 LEU B 4  ? LEU C 5    . ? 1_555 ? 
7  AC3 4 LYS A 43 ? LYS A 42   . ? 1_555 ? 
8  AC3 4 PRO B 6  ? PRO C 7    . ? 1_555 ? 
9  AC3 4 LEU B 7  ? LEU C 8    . ? 1_555 ? 
10 AC3 4 HOH G .  ? HOH C 2003 . ? 1_555 ? 
# 
_atom_sites.entry_id                    2VKN 
_atom_sites.fract_transf_matrix[1][1]   0.00820344 
_atom_sites.fract_transf_matrix[1][2]   0.01131604 
_atom_sites.fract_transf_matrix[1][3]   0.00986826 
_atom_sites.fract_transf_matrix[2][1]   0.00831212 
_atom_sites.fract_transf_matrix[2][2]   0.01313788 
_atom_sites.fract_transf_matrix[2][3]   -0.00714302 
_atom_sites.fract_transf_matrix[3][1]   -0.02503120 
_atom_sites.fract_transf_matrix[3][2]   0.01672365 
_atom_sites.fract_transf_matrix[3][3]   0.00163112 
_atom_sites.fract_transf_vector[1]      -0.024954 
_atom_sites.fract_transf_vector[2]      -0.390922 
_atom_sites.fract_transf_vector[3]      0.079153 
# 
loop_
_atom_type.symbol 
C 
N 
O 
S 
# 
loop_
_atom_site.group_PDB 
_atom_site.id 
_atom_site.type_symbol 
_atom_site.label_atom_id 
_atom_site.label_alt_id 
_atom_site.label_comp_id 
_atom_site.label_asym_id 
_atom_site.label_entity_id 
_atom_site.label_seq_id 
_atom_site.pdbx_PDB_ins_code 
_atom_site.Cartn_x 
_atom_site.Cartn_y 
_atom_site.Cartn_z 
_atom_site.occupancy 
_atom_site.B_iso_or_equiv 
_atom_site.pdbx_formal_charge 
_atom_site.auth_seq_id 
_atom_site.auth_comp_id 
_atom_site.auth_asym_id 
_atom_site.auth_atom_id 
_atom_site.pdbx_PDB_model_num 
ATOM   1   N N   . ASP A 1 2  ? -1.814  9.557   14.563  1.00 42.26  ? 1    ASP A N   1 
ATOM   2   C CA  . ASP A 1 2  ? -0.664  9.560   15.533  1.00 41.17  ? 1    ASP A CA  1 
ATOM   3   C C   . ASP A 1 2  ? 0.352   8.509   15.064  1.00 40.43  ? 1    ASP A C   1 
ATOM   4   O O   . ASP A 1 2  ? 0.522   8.311   13.854  1.00 40.36  ? 1    ASP A O   1 
ATOM   5   C CB  . ASP A 1 2  ? -1.168  9.293   16.971  1.00 42.77  ? 1    ASP A CB  1 
ATOM   6   C CG  . ASP A 1 2  ? -0.366  10.046  18.047  1.00 43.41  ? 1    ASP A CG  1 
ATOM   7   O OD1 . ASP A 1 2  ? -0.475  11.293  18.137  1.00 50.08  ? 1    ASP A OD1 1 
ATOM   8   O OD2 . ASP A 1 2  ? 0.344   9.387   18.834  1.00 50.71  ? 1    ASP A OD2 1 
ATOM   9   N N   . ASN A 1 3  ? 1.000   7.819   16.000  1.00 38.86  ? 2    ASN A N   1 
ATOM   10  C CA  . ASN A 1 3  ? 2.108   6.939   15.668  1.00 36.94  ? 2    ASN A CA  1 
ATOM   11  C C   . ASN A 1 3  ? 1.762   5.574   15.011  1.00 36.08  ? 2    ASN A C   1 
ATOM   12  O O   . ASN A 1 3  ? 2.675   4.882   14.559  1.00 37.77  ? 2    ASN A O   1 
ATOM   13  C CB  . ASN A 1 3  ? 2.965   6.734   16.929  1.00 36.98  ? 2    ASN A CB  1 
ATOM   14  N N   . PHE A 1 4  ? 0.481   5.189   14.905  1.00 32.99  ? 3    PHE A N   1 
ATOM   15  C CA  . PHE A 1 4  ? 0.136   3.784   14.570  1.00 30.78  ? 3    PHE A CA  1 
ATOM   16  C C   . PHE A 1 4  ? 0.611   3.266   13.190  1.00 30.08  ? 3    PHE A C   1 
ATOM   17  O O   . PHE A 1 4  ? 0.548   3.990   12.175  1.00 28.31  ? 3    PHE A O   1 
ATOM   18  C CB  . PHE A 1 4  ? -1.370  3.517   14.696  1.00 28.41  ? 3    PHE A CB  1 
ATOM   19  C CG  . PHE A 1 4  ? -1.915  3.574   16.115  1.00 24.03  ? 3    PHE A CG  1 
ATOM   20  C CD1 . PHE A 1 4  ? -1.190  3.107   17.202  1.00 28.42  ? 3    PHE A CD1 1 
ATOM   21  C CD2 . PHE A 1 4  ? -3.195  4.052   16.344  1.00 21.08  ? 3    PHE A CD2 1 
ATOM   22  C CE1 . PHE A 1 4  ? -1.719  3.160   18.488  1.00 23.73  ? 3    PHE A CE1 1 
ATOM   23  C CE2 . PHE A 1 4  ? -3.725  4.097   17.619  1.00 25.11  ? 3    PHE A CE2 1 
ATOM   24  C CZ  . PHE A 1 4  ? -2.986  3.656   18.689  1.00 23.04  ? 3    PHE A CZ  1 
ATOM   25  N N   . ILE A 1 5  ? 1.097   2.012   13.190  1.00 29.30  ? 4    ILE A N   1 
ATOM   26  C CA  . ILE A 1 5  ? 1.383   1.250   11.967  1.00 28.97  ? 4    ILE A CA  1 
ATOM   27  C C   . ILE A 1 5  ? 0.474   0.040   11.936  1.00 27.36  ? 4    ILE A C   1 
ATOM   28  O O   . ILE A 1 5  ? 0.075   -0.505  12.970  1.00 25.17  ? 4    ILE A O   1 
ATOM   29  C CB  . ILE A 1 5  ? 2.885   0.820   11.781  1.00 29.82  ? 4    ILE A CB  1 
ATOM   30  C CG1 . ILE A 1 5  ? 3.248   -0.348  12.698  1.00 35.87  ? 4    ILE A CG1 1 
ATOM   31  C CG2 . ILE A 1 5  ? 3.857   2.013   11.993  1.00 30.11  ? 4    ILE A CG2 1 
ATOM   32  C CD1 . ILE A 1 5  ? 4.726   -0.710  12.694  1.00 32.86  ? 4    ILE A CD1 1 
ATOM   33  N N   . TYR A 1 6  ? 0.111   -0.326  10.715  1.00 25.74  ? 5    TYR A N   1 
ATOM   34  C CA  . TYR A 1 6  ? -0.822  -1.386  10.433  1.00 25.69  ? 5    TYR A CA  1 
ATOM   35  C C   . TYR A 1 6  ? -0.171  -2.379  9.468   1.00 24.43  ? 5    TYR A C   1 
ATOM   36  O O   . TYR A 1 6  ? 0.910   -2.134  8.913   1.00 24.10  ? 5    TYR A O   1 
ATOM   37  C CB  . TYR A 1 6  ? -2.090  -0.807  9.808   1.00 25.27  ? 5    TYR A CB  1 
ATOM   38  C CG  . TYR A 1 6  ? -2.836  0.195   10.676  1.00 21.00  ? 5    TYR A CG  1 
ATOM   39  C CD1 . TYR A 1 6  ? -3.872  -0.218  11.496  1.00 21.91  ? 5    TYR A CD1 1 
ATOM   40  C CD2 . TYR A 1 6  ? -2.507  1.553   10.675  1.00 19.02  ? 5    TYR A CD2 1 
ATOM   41  C CE1 . TYR A 1 6  ? -4.586  0.677   12.306  1.00 23.89  ? 5    TYR A CE1 1 
ATOM   42  C CE2 . TYR A 1 6  ? -3.215  2.471   11.492  1.00 18.24  ? 5    TYR A CE2 1 
ATOM   43  C CZ  . TYR A 1 6  ? -4.276  2.017   12.298  1.00 23.57  ? 5    TYR A CZ  1 
ATOM   44  O OH  . TYR A 1 6  ? -5.020  2.864   13.114  1.00 20.34  ? 5    TYR A OH  1 
ATOM   45  N N   . LYS A 1 7  ? -0.809  -3.520  9.320   1.00 23.96  ? 6    LYS A N   1 
ATOM   46  C CA  . LYS A 1 7  ? -0.366  -4.547  8.380   1.00 24.76  ? 6    LYS A CA  1 
ATOM   47  C C   . LYS A 1 7  ? -1.488  -4.703  7.339   1.00 24.02  ? 6    LYS A C   1 
ATOM   48  O O   . LYS A 1 7  ? -2.660  -4.718  7.672   1.00 23.74  ? 6    LYS A O   1 
ATOM   49  C CB  . LYS A 1 7  ? -0.091  -5.823  9.157   1.00 25.17  ? 6    LYS A CB  1 
ATOM   50  C CG  . LYS A 1 7  ? 0.791   -6.820  8.490   1.00 27.32  ? 6    LYS A CG  1 
ATOM   51  C CD  . LYS A 1 7  ? 0.800   -8.162  9.251   1.00 27.28  ? 6    LYS A CD  1 
ATOM   52  C CE  . LYS A 1 7  ? 1.518   -8.083  10.583  1.00 20.96  ? 6    LYS A CE  1 
ATOM   53  N NZ  . LYS A 1 7  ? 1.590   -9.408  11.250  1.00 18.31  ? 6    LYS A NZ  1 
ATOM   54  N N   . ALA A 1 8  ? -1.102  -4.739  6.072   1.00 26.08  ? 7    ALA A N   1 
ATOM   55  C CA  . ALA A 1 8  ? -2.008  -4.884  4.928   1.00 25.51  ? 7    ALA A CA  1 
ATOM   56  C C   . ALA A 1 8  ? -1.560  -6.058  4.012   1.00 24.68  ? 7    ALA A C   1 
ATOM   57  O O   . ALA A 1 8  ? -0.379  -6.346  3.887   1.00 23.13  ? 7    ALA A O   1 
ATOM   58  C CB  . ALA A 1 8  ? -2.043  -3.578  4.127   1.00 25.45  ? 7    ALA A CB  1 
ATOM   59  N N   . LYS A 1 9  ? -2.514  -6.741  3.391   1.00 24.89  ? 8    LYS A N   1 
ATOM   60  C CA  . LYS A 1 9  ? -2.201  -7.794  2.431   1.00 24.95  ? 8    LYS A CA  1 
ATOM   61  C C   . LYS A 1 9  ? -2.676  -7.336  1.056   1.00 25.34  ? 8    LYS A C   1 
ATOM   62  O O   . LYS A 1 9  ? -3.825  -6.916  0.907   1.00 22.54  ? 8    LYS A O   1 
ATOM   63  C CB  . LYS A 1 9  ? -2.901  -9.090  2.840   1.00 24.71  ? 8    LYS A CB  1 
ATOM   64  C CG  . LYS A 1 9  ? -2.509  -10.323 2.034   1.00 25.14  ? 8    LYS A CG  1 
ATOM   65  C CD  . LYS A 1 9  ? -3.134  -11.592 2.617   1.00 25.47  ? 8    LYS A CD  1 
ATOM   66  C CE  . LYS A 1 9  ? -2.464  -12.846 2.079   1.00 27.10  ? 8    LYS A CE  1 
ATOM   67  N NZ  . LYS A 1 9  ? -2.876  -14.054 2.845   1.00 22.58  ? 8    LYS A NZ  1 
ATOM   68  N N   . ALA A 1 10 ? -1.796  -7.406  0.054   1.00 27.07  ? 9    ALA A N   1 
ATOM   69  C CA  . ALA A 1 10 ? -2.150  -7.011  -1.296  1.00 29.48  ? 9    ALA A CA  1 
ATOM   70  C C   . ALA A 1 10 ? -3.159  -8.014  -1.884  1.00 30.40  ? 9    ALA A C   1 
ATOM   71  O O   . ALA A 1 10 ? -2.928  -9.234  -1.868  1.00 28.33  ? 9    ALA A O   1 
ATOM   72  C CB  . ALA A 1 10 ? -0.892  -6.870  -2.217  1.00 29.73  ? 9    ALA A CB  1 
ATOM   73  N N   . LEU A 1 11 ? -4.266  -7.456  -2.400  1.00 32.33  ? 10   LEU A N   1 
ATOM   74  C CA  . LEU A 1 11 ? -5.326  -8.210  -3.069  1.00 31.24  ? 10   LEU A CA  1 
ATOM   75  C C   . LEU A 1 11 ? -4.949  -8.461  -4.519  1.00 32.38  ? 10   LEU A C   1 
ATOM   76  O O   . LEU A 1 11 ? -5.403  -9.444  -5.135  1.00 32.49  ? 10   LEU A O   1 
ATOM   77  C CB  . LEU A 1 11 ? -6.659  -7.451  -2.994  1.00 31.24  ? 10   LEU A CB  1 
ATOM   78  C CG  . LEU A 1 11 ? -7.311  -7.181  -1.640  1.00 33.53  ? 10   LEU A CG  1 
ATOM   79  C CD1 . LEU A 1 11 ? -8.437  -6.156  -1.786  1.00 32.08  ? 10   LEU A CD1 1 
ATOM   80  C CD2 . LEU A 1 11 ? -7.831  -8.467  -1.029  1.00 32.14  ? 10   LEU A CD2 1 
ATOM   81  N N   . TYR A 1 12 ? -4.159  -7.544  -5.074  1.00 31.86  ? 11   TYR A N   1 
ATOM   82  C CA  . TYR A 1 12 ? -3.656  -7.655  -6.429  1.00 31.54  ? 11   TYR A CA  1 
ATOM   83  C C   . TYR A 1 12 ? -2.249  -7.066  -6.516  1.00 31.60  ? 11   TYR A C   1 
ATOM   84  O O   . TYR A 1 12 ? -1.828  -6.321  -5.615  1.00 31.61  ? 11   TYR A O   1 
ATOM   85  C CB  . TYR A 1 12 ? -4.573  -6.928  -7.429  1.00 34.57  ? 11   TYR A CB  1 
ATOM   86  C CG  . TYR A 1 12 ? -6.046  -6.869  -7.057  1.00 35.12  ? 11   TYR A CG  1 
ATOM   87  C CD1 . TYR A 1 12 ? -6.956  -7.838  -7.502  1.00 37.19  ? 11   TYR A CD1 1 
ATOM   88  C CD2 . TYR A 1 12 ? -6.523  -5.831  -6.274  1.00 35.75  ? 11   TYR A CD2 1 
ATOM   89  C CE1 . TYR A 1 12 ? -8.315  -7.764  -7.155  1.00 34.48  ? 11   TYR A CE1 1 
ATOM   90  C CE2 . TYR A 1 12 ? -7.853  -5.746  -5.925  1.00 38.31  ? 11   TYR A CE2 1 
ATOM   91  C CZ  . TYR A 1 12 ? -8.744  -6.702  -6.360  1.00 36.83  ? 11   TYR A CZ  1 
ATOM   92  O OH  . TYR A 1 12 ? -10.051 -6.556  -5.970  1.00 35.56  ? 11   TYR A OH  1 
ATOM   93  N N   . PRO A 1 13 ? -1.515  -7.380  -7.602  1.00 31.78  ? 12   PRO A N   1 
ATOM   94  C CA  . PRO A 1 13 ? -0.228  -6.731  -7.804  1.00 31.86  ? 12   PRO A CA  1 
ATOM   95  C C   . PRO A 1 13 ? -0.443  -5.288  -8.207  1.00 32.50  ? 12   PRO A C   1 
ATOM   96  O O   . PRO A 1 13 ? -1.505  -4.937  -8.734  1.00 31.44  ? 12   PRO A O   1 
ATOM   97  C CB  . PRO A 1 13 ? 0.406   -7.511  -8.968  1.00 31.45  ? 12   PRO A CB  1 
ATOM   98  C CG  . PRO A 1 13 ? -0.505  -8.652  -9.255  1.00 32.51  ? 12   PRO A CG  1 
ATOM   99  C CD  . PRO A 1 13 ? -1.838  -8.304  -8.710  1.00 32.09  ? 12   PRO A CD  1 
ATOM   100 N N   . TYR A 1 14 ? 0.548   -4.452  -7.934  1.00 33.65  ? 13   TYR A N   1 
ATOM   101 C CA  . TYR A 1 14 ? 0.544   -3.089  -8.428  1.00 35.36  ? 13   TYR A CA  1 
ATOM   102 C C   . TYR A 1 14 ? 1.908   -2.797  -8.994  1.00 36.64  ? 13   TYR A C   1 
ATOM   103 O O   . TYR A 1 14 ? 2.920   -3.150  -8.393  1.00 36.75  ? 13   TYR A O   1 
ATOM   104 C CB  . TYR A 1 14 ? 0.219   -2.083  -7.320  1.00 35.79  ? 13   TYR A CB  1 
ATOM   105 C CG  . TYR A 1 14 ? 0.063   -0.661  -7.820  1.00 32.88  ? 13   TYR A CG  1 
ATOM   106 C CD1 . TYR A 1 14 ? -0.943  -0.326  -8.714  1.00 33.38  ? 13   TYR A CD1 1 
ATOM   107 C CD2 . TYR A 1 14 ? 0.935   0.344   -7.400  1.00 36.44  ? 13   TYR A CD2 1 
ATOM   108 C CE1 . TYR A 1 14 ? -1.090  0.987   -9.182  1.00 29.23  ? 13   TYR A CE1 1 
ATOM   109 C CE2 . TYR A 1 14 ? 0.798   1.651   -7.848  1.00 34.12  ? 13   TYR A CE2 1 
ATOM   110 C CZ  . TYR A 1 14 ? -0.217  1.964   -8.746  1.00 33.39  ? 13   TYR A CZ  1 
ATOM   111 O OH  . TYR A 1 14 ? -0.355  3.250   -9.190  1.00 29.82  ? 13   TYR A OH  1 
ATOM   112 N N   . ASP A 1 15 ? 1.919   -2.167  -10.166 1.00 37.65  ? 14   ASP A N   1 
ATOM   113 C CA  . ASP A 1 15 ? 3.136   -1.690  -10.781 1.00 38.41  ? 14   ASP A CA  1 
ATOM   114 C C   . ASP A 1 15 ? 3.135   -0.177  -10.709 1.00 39.31  ? 14   ASP A C   1 
ATOM   115 O O   . ASP A 1 15 ? 2.370   0.471   -11.430 1.00 40.85  ? 14   ASP A O   1 
ATOM   116 C CB  . ASP A 1 15 ? 3.174   -2.110  -12.242 1.00 39.69  ? 14   ASP A CB  1 
ATOM   117 C CG  . ASP A 1 15 ? 3.588   -3.549  -12.429 1.00 44.39  ? 14   ASP A CG  1 
ATOM   118 O OD1 . ASP A 1 15 ? 3.816   -4.267  -11.424 1.00 49.35  ? 14   ASP A OD1 1 
ATOM   119 O OD2 . ASP A 1 15 ? 3.699   -3.955  -13.606 1.00 50.68  ? 14   ASP A OD2 1 
ATOM   120 N N   . ALA A 1 16 ? 3.972   0.383   -9.839  1.00 39.41  ? 15   ALA A N   1 
ATOM   121 C CA  . ALA A 1 16 ? 4.190   1.826   -9.792  1.00 40.49  ? 15   ALA A CA  1 
ATOM   122 C C   . ALA A 1 16 ? 4.744   2.329   -11.134 1.00 41.86  ? 15   ALA A C   1 
ATOM   123 O O   . ALA A 1 16 ? 5.530   1.635   -11.784 1.00 41.94  ? 15   ALA A O   1 
ATOM   124 C CB  . ALA A 1 16 ? 5.158   2.171   -8.677  1.00 40.04  ? 15   ALA A CB  1 
ATOM   125 N N   . ASP A 1 17 ? 4.322   3.525   -11.551 1.00 43.09  ? 16   ASP A N   1 
ATOM   126 C CA  . ASP A 1 17 ? 4.905   4.184   -12.733 1.00 43.63  ? 16   ASP A CA  1 
ATOM   127 C C   . ASP A 1 17 ? 6.304   4.656   -12.384 1.00 44.52  ? 16   ASP A C   1 
ATOM   128 O O   . ASP A 1 17 ? 6.634   4.890   -11.216 1.00 45.14  ? 16   ASP A O   1 
ATOM   129 C CB  . ASP A 1 17 ? 4.067   5.393   -13.188 1.00 43.53  ? 16   ASP A CB  1 
ATOM   130 C CG  . ASP A 1 17 ? 3.266   5.123   -14.447 1.00 45.14  ? 16   ASP A CG  1 
ATOM   131 O OD1 . ASP A 1 17 ? 3.880   4.895   -15.511 1.00 47.89  ? 16   ASP A OD1 1 
ATOM   132 O OD2 . ASP A 1 17 ? 2.021   5.177   -14.382 1.00 47.63  ? 16   ASP A OD2 1 
ATOM   133 N N   . ASP A 1 18 ? 7.137   4.792   -13.399 1.00 45.78  ? 17   ASP A N   1 
ATOM   134 C CA  . ASP A 1 18 ? 8.430   5.415   -13.198 1.00 46.09  ? 17   ASP A CA  1 
ATOM   135 C C   . ASP A 1 18 ? 8.231   6.945   -13.089 1.00 46.48  ? 17   ASP A C   1 
ATOM   136 O O   . ASP A 1 18 ? 8.964   7.619   -12.362 1.00 46.18  ? 17   ASP A O   1 
ATOM   137 C CB  . ASP A 1 18 ? 9.391   5.024   -14.326 1.00 46.46  ? 17   ASP A CB  1 
ATOM   138 C CG  . ASP A 1 18 ? 10.674  4.396   -13.809 1.00 47.37  ? 17   ASP A CG  1 
ATOM   139 O OD1 . ASP A 1 18 ? 10.584  3.533   -12.907 1.00 49.32  ? 17   ASP A OD1 1 
ATOM   140 O OD2 . ASP A 1 18 ? 11.762  4.753   -14.314 1.00 51.92  ? 17   ASP A OD2 1 
ATOM   141 N N   . ASP A 1 19 ? 7.210   7.463   -13.783 1.00 46.84  ? 18   ASP A N   1 
ATOM   142 C CA  . ASP A 1 19 ? 6.899   8.901   -13.827 1.00 46.87  ? 18   ASP A CA  1 
ATOM   143 C C   . ASP A 1 19 ? 6.544   9.489   -12.470 1.00 46.83  ? 18   ASP A C   1 
ATOM   144 O O   . ASP A 1 19 ? 6.955   10.600  -12.159 1.00 46.85  ? 18   ASP A O   1 
ATOM   145 C CB  . ASP A 1 19 ? 5.752   9.180   -14.814 1.00 47.06  ? 18   ASP A CB  1 
ATOM   146 C CG  . ASP A 1 19 ? 6.199   9.130   -16.265 1.00 47.84  ? 18   ASP A CG  1 
ATOM   147 O OD1 . ASP A 1 19 ? 7.265   9.697   -16.576 1.00 49.87  ? 18   ASP A OD1 1 
ATOM   148 O OD2 . ASP A 1 19 ? 5.484   8.532   -17.100 1.00 48.97  ? 18   ASP A OD2 1 
ATOM   149 N N   . ASP A 1 20 ? 5.768   8.754   -11.676 1.00 47.30  ? 19   ASP A N   1 
ATOM   150 C CA  . ASP A 1 20 ? 5.452   9.166   -10.298 1.00 47.19  ? 19   ASP A CA  1 
ATOM   151 C C   . ASP A 1 20 ? 6.315   8.354   -9.328  1.00 46.87  ? 19   ASP A C   1 
ATOM   152 O O   . ASP A 1 20 ? 5.956   7.248   -8.946  1.00 47.32  ? 19   ASP A O   1 
ATOM   153 C CB  . ASP A 1 20 ? 3.946   9.045   -9.981  1.00 47.91  ? 19   ASP A CB  1 
ATOM   154 C CG  . ASP A 1 20 ? 3.259   7.937   -10.765 1.00 49.53  ? 19   ASP A CG  1 
ATOM   155 O OD1 . ASP A 1 20 ? 2.563   8.254   -11.754 1.00 47.62  ? 19   ASP A OD1 1 
ATOM   156 O OD2 . ASP A 1 20 ? 3.424   6.754   -10.396 1.00 53.48  ? 19   ASP A OD2 1 
ATOM   157 N N   . ALA A 1 21 ? 7.457   8.919   -8.936  1.00 46.44  ? 20   ALA A N   1 
ATOM   158 C CA  . ALA A 1 21 ? 8.525   8.144   -8.279  1.00 45.51  ? 20   ALA A CA  1 
ATOM   159 C C   . ALA A 1 21 ? 8.406   8.045   -6.763  1.00 44.97  ? 20   ALA A C   1 
ATOM   160 O O   . ALA A 1 21 ? 9.384   7.699   -6.105  1.00 46.01  ? 20   ALA A O   1 
ATOM   161 C CB  . ALA A 1 21 ? 9.901   8.696   -8.658  1.00 45.30  ? 20   ALA A CB  1 
ATOM   162 N N   . TYR A 1 22 ? 7.229   8.352   -6.210  1.00 44.13  ? 21   TYR A N   1 
ATOM   163 C CA  . TYR A 1 22 ? 6.958   8.117   -4.794  1.00 42.43  ? 21   TYR A CA  1 
ATOM   164 C C   . TYR A 1 22 ? 6.146   6.848   -4.573  1.00 42.49  ? 21   TYR A C   1 
ATOM   165 O O   . TYR A 1 22 ? 6.031   6.387   -3.440  1.00 44.38  ? 21   TYR A O   1 
ATOM   166 C CB  . TYR A 1 22 ? 6.249   9.319   -4.160  1.00 41.73  ? 21   TYR A CB  1 
ATOM   167 C CG  . TYR A 1 22 ? 7.063   10.593  -4.209  1.00 41.13  ? 21   TYR A CG  1 
ATOM   168 C CD1 . TYR A 1 22 ? 8.426   10.591  -3.907  1.00 40.07  ? 21   TYR A CD1 1 
ATOM   169 C CD2 . TYR A 1 22 ? 6.473   11.803  -4.554  1.00 41.55  ? 21   TYR A CD2 1 
ATOM   170 C CE1 . TYR A 1 22 ? 9.177   11.755  -3.967  1.00 40.73  ? 21   TYR A CE1 1 
ATOM   171 C CE2 . TYR A 1 22 ? 7.216   12.979  -4.604  1.00 41.67  ? 21   TYR A CE2 1 
ATOM   172 C CZ  . TYR A 1 22 ? 8.565   12.948  -4.311  1.00 41.22  ? 21   TYR A CZ  1 
ATOM   173 O OH  . TYR A 1 22 ? 9.303   14.109  -4.364  1.00 40.88  ? 21   TYR A OH  1 
ATOM   174 N N   . GLU A 1 23 ? 5.575   6.288   -5.636  1.00 40.25  ? 22   GLU A N   1 
ATOM   175 C CA  . GLU A 1 23 ? 4.829   5.039   -5.527  1.00 38.97  ? 22   GLU A CA  1 
ATOM   176 C C   . GLU A 1 23 ? 5.778   3.848   -5.451  1.00 37.76  ? 22   GLU A C   1 
ATOM   177 O O   . GLU A 1 23 ? 6.898   3.899   -5.955  1.00 36.45  ? 22   GLU A O   1 
ATOM   178 C CB  . GLU A 1 23 ? 3.860   4.869   -6.700  1.00 38.42  ? 22   GLU A CB  1 
ATOM   179 C CG  . GLU A 1 23 ? 2.712   5.844   -6.643  1.00 39.91  ? 22   GLU A CG  1 
ATOM   180 C CD  . GLU A 1 23 ? 1.786   5.788   -7.837  1.00 37.99  ? 22   GLU A CD  1 
ATOM   181 O OE1 . GLU A 1 23 ? 1.159   6.827   -8.131  1.00 36.33  ? 22   GLU A OE1 1 
ATOM   182 O OE2 . GLU A 1 23 ? 1.680   4.719   -8.468  1.00 35.79  ? 22   GLU A OE2 1 
ATOM   183 N N   . ILE A 1 24 ? 5.332   2.780   -4.792  1.00 36.93  ? 23   ILE A N   1 
ATOM   184 C CA  . ILE A 1 24 ? 6.052   1.507   -4.837  1.00 35.94  ? 23   ILE A CA  1 
ATOM   185 C C   . ILE A 1 24 ? 5.166   0.414   -5.442  1.00 35.20  ? 23   ILE A C   1 
ATOM   186 O O   . ILE A 1 24 ? 3.925   0.474   -5.394  1.00 35.26  ? 23   ILE A O   1 
ATOM   187 C CB  . ILE A 1 24 ? 6.646   1.083   -3.452  1.00 36.17  ? 23   ILE A CB  1 
ATOM   188 C CG1 . ILE A 1 24 ? 5.580   0.958   -2.382  1.00 35.07  ? 23   ILE A CG1 1 
ATOM   189 C CG2 . ILE A 1 24 ? 7.683   2.087   -2.980  1.00 36.71  ? 23   ILE A CG2 1 
ATOM   190 C CD1 . ILE A 1 24 ? 6.107   0.245   -1.132  1.00 34.30  ? 23   ILE A CD1 1 
ATOM   191 N N   . SER A 1 25 ? 5.830   -0.557  -6.053  1.00 33.91  ? 24   SER A N   1 
ATOM   192 C CA  . SER A 1 25 ? 5.179   -1.725  -6.600  1.00 33.14  ? 24   SER A CA  1 
ATOM   193 C C   . SER A 1 25 ? 5.100   -2.788  -5.511  1.00 33.93  ? 24   SER A C   1 
ATOM   194 O O   . SER A 1 25 ? 5.858   -2.763  -4.527  1.00 35.51  ? 24   SER A O   1 
ATOM   195 C CB  . SER A 1 25 ? 5.967   -2.275  -7.787  1.00 32.28  ? 24   SER A CB  1 
ATOM   196 O OG  . SER A 1 25 ? 6.096   -1.309  -8.818  1.00 33.00  ? 24   SER A OG  1 
ATOM   197 N N   . PHE A 1 26 ? 4.198   -3.738  -5.710  1.00 32.40  ? 25   PHE A N   1 
ATOM   198 C CA  . PHE A 1 26 ? 4.086   -4.890  -4.829  1.00 29.56  ? 25   PHE A CA  1 
ATOM   199 C C   . PHE A 1 26 ? 3.383   -6.056  -5.541  1.00 28.05  ? 25   PHE A C   1 
ATOM   200 O O   . PHE A 1 26 ? 2.833   -5.887  -6.623  1.00 27.65  ? 25   PHE A O   1 
ATOM   201 C CB  . PHE A 1 26 ? 3.382   -4.488  -3.526  1.00 28.40  ? 25   PHE A CB  1 
ATOM   202 C CG  . PHE A 1 26 ? 2.061   -3.761  -3.712  1.00 27.09  ? 25   PHE A CG  1 
ATOM   203 C CD1 . PHE A 1 26 ? 0.863   -4.473  -3.907  1.00 32.70  ? 25   PHE A CD1 1 
ATOM   204 C CD2 . PHE A 1 26 ? 1.997   -2.369  -3.636  1.00 27.67  ? 25   PHE A CD2 1 
ATOM   205 C CE1 . PHE A 1 26 ? -0.356  -3.809  -4.056  1.00 26.24  ? 25   PHE A CE1 1 
ATOM   206 C CE2 . PHE A 1 26 ? 0.796   -1.698  -3.798  1.00 28.96  ? 25   PHE A CE2 1 
ATOM   207 C CZ  . PHE A 1 26 ? -0.394  -2.421  -4.011  1.00 29.43  ? 25   PHE A CZ  1 
ATOM   208 N N   . GLU A 1 27 ? 3.432   -7.230  -4.923  1.00 28.09  ? 26   GLU A N   1 
ATOM   209 C CA  . GLU A 1 27 ? 2.892   -8.477  -5.479  1.00 28.65  ? 26   GLU A CA  1 
ATOM   210 C C   . GLU A 1 27 ? 1.601   -8.848  -4.803  1.00 27.33  ? 26   GLU A C   1 
ATOM   211 O O   . GLU A 1 27 ? 1.364   -8.475  -3.672  1.00 28.13  ? 26   GLU A O   1 
ATOM   212 C CB  . GLU A 1 27 ? 3.881   -9.651  -5.295  1.00 29.48  ? 26   GLU A CB  1 
ATOM   213 C CG  . GLU A 1 27 ? 4.683   -10.013 -6.546  1.00 35.50  ? 26   GLU A CG  1 
ATOM   214 C CD  . GLU A 1 27 ? 5.945   -9.214  -6.680  1.00 42.28  ? 26   GLU A CD  1 
ATOM   215 O OE1 . GLU A 1 27 ? 5.963   -8.285  -7.515  1.00 46.70  ? 26   GLU A OE1 1 
ATOM   216 O OE2 . GLU A 1 27 ? 6.915   -9.519  -5.950  1.00 47.85  ? 26   GLU A OE2 1 
ATOM   217 N N   . GLN A 1 28 ? 0.782   -9.625  -5.493  1.00 27.53  ? 27   GLN A N   1 
ATOM   218 C CA  . GLN A 1 28 ? -0.458  -10.107 -4.916  1.00 27.02  ? 27   GLN A CA  1 
ATOM   219 C C   . GLN A 1 28 ? -0.102  -11.017 -3.753  1.00 26.44  ? 27   GLN A C   1 
ATOM   220 O O   . GLN A 1 28 ? 0.803   -11.858 -3.888  1.00 26.09  ? 27   GLN A O   1 
ATOM   221 C CB  . GLN A 1 28 ? -1.237  -10.869 -5.962  1.00 27.24  ? 27   GLN A CB  1 
ATOM   222 C CG  . GLN A 1 28 ? -2.591  -11.343 -5.500  1.00 28.26  ? 27   GLN A CG  1 
ATOM   223 C CD  . GLN A 1 28 ? -3.378  -11.934 -6.646  1.00 28.94  ? 27   GLN A CD  1 
ATOM   224 O OE1 . GLN A 1 28 ? -4.599  -12.005 -6.603  1.00 33.89  ? 27   GLN A OE1 1 
ATOM   225 N NE2 . GLN A 1 28 ? -2.677  -12.367 -7.679  1.00 37.92  ? 27   GLN A NE2 1 
ATOM   226 N N   . ASN A 1 29 ? -0.784  -10.816 -2.618  1.00 25.03  ? 28   ASN A N   1 
ATOM   227 C CA  . ASN A 1 29 ? -0.589  -11.587 -1.363  1.00 24.80  ? 28   ASN A CA  1 
ATOM   228 C C   . ASN A 1 29 ? 0.629   -11.181 -0.535  1.00 24.26  ? 28   ASN A C   1 
ATOM   229 O O   . ASN A 1 29 ? 0.903   -11.772 0.526   1.00 22.80  ? 28   ASN A O   1 
ATOM   230 C CB  . ASN A 1 29 ? -0.562  -13.105 -1.616  1.00 24.21  ? 28   ASN A CB  1 
ATOM   231 C CG  . ASN A 1 29 ? -1.833  -13.607 -2.262  1.00 27.11  ? 28   ASN A CG  1 
ATOM   232 O OD1 . ASN A 1 29 ? -1.789  -14.393 -3.207  1.00 30.88  ? 28   ASN A OD1 1 
ATOM   233 N ND2 . ASN A 1 29 ? -2.969  -13.156 -1.766  1.00 27.46  ? 28   ASN A ND2 1 
ATOM   234 N N   . GLU A 1 30 ? 1.359   -10.176 -1.019  1.00 25.05  ? 29   GLU A N   1 
ATOM   235 C CA  . GLU A 1 30 ? 2.474   -9.610  -0.272  1.00 24.77  ? 29   GLU A CA  1 
ATOM   236 C C   . GLU A 1 30 ? 1.923   -8.891  0.944   1.00 24.10  ? 29   GLU A C   1 
ATOM   237 O O   . GLU A 1 30 ? 0.946   -8.171  0.828   1.00 24.48  ? 29   GLU A O   1 
ATOM   238 C CB  . GLU A 1 30 ? 3.258   -8.617  -1.143  1.00 25.25  ? 29   GLU A CB  1 
ATOM   239 C CG  . GLU A 1 30 ? 4.493   -8.017  -0.449  1.00 22.72  ? 29   GLU A CG  1 
ATOM   240 C CD  . GLU A 1 30 ? 5.390   -7.230  -1.373  1.00 24.09  ? 29   GLU A CD  1 
ATOM   241 O OE1 . GLU A 1 30 ? 5.240   -7.303  -2.613  1.00 24.97  ? 29   GLU A OE1 1 
ATOM   242 O OE2 . GLU A 1 30 ? 6.274   -6.535  -0.848  1.00 23.58  ? 29   GLU A OE2 1 
ATOM   243 N N   . ILE A 1 31 ? 2.552   -9.109  2.101   1.00 24.32  ? 30   ILE A N   1 
ATOM   244 C CA  . ILE A 1 31 ? 2.241   -8.380  3.335   1.00 24.22  ? 30   ILE A CA  1 
ATOM   245 C C   . ILE A 1 31 ? 3.123   -7.126  3.452   1.00 23.14  ? 30   ILE A C   1 
ATOM   246 O O   . ILE A 1 31 ? 4.336   -7.206  3.320   1.00 22.03  ? 30   ILE A O   1 
ATOM   247 C CB  . ILE A 1 31 ? 2.428   -9.244  4.586   1.00 25.06  ? 30   ILE A CB  1 
ATOM   248 C CG1 . ILE A 1 31 ? 1.610   -10.550 4.483   1.00 26.03  ? 30   ILE A CG1 1 
ATOM   249 C CG2 . ILE A 1 31 ? 2.083   -8.426  5.882   1.00 23.07  ? 30   ILE A CG2 1 
ATOM   250 C CD1 . ILE A 1 31 ? 0.212   -10.393 4.046   1.00 23.27  ? 30   ILE A CD1 1 
ATOM   251 N N   . LEU A 1 32 ? 2.473   -5.983  3.663   1.00 24.24  ? 31   LEU A N   1 
ATOM   252 C CA  . LEU A 1 32 ? 3.100   -4.669  3.751   1.00 23.80  ? 31   LEU A CA  1 
ATOM   253 C C   . LEU A 1 32 ? 2.802   -4.070  5.110   1.00 22.57  ? 31   LEU A C   1 
ATOM   254 O O   . LEU A 1 32 ? 1.736   -4.282  5.644   1.00 22.21  ? 31   LEU A O   1 
ATOM   255 C CB  . LEU A 1 32 ? 2.503   -3.745  2.688   1.00 22.96  ? 31   LEU A CB  1 
ATOM   256 C CG  . LEU A 1 32 ? 2.623   -4.137  1.208   1.00 27.40  ? 31   LEU A CG  1 
ATOM   257 C CD1 . LEU A 1 32 ? 1.553   -3.417  0.393   1.00 28.05  ? 31   LEU A CD1 1 
ATOM   258 C CD2 . LEU A 1 32 ? 4.021   -3.827  0.692   1.00 21.99  ? 31   LEU A CD2 1 
ATOM   259 N N   . GLN A 1 33 ? 3.749   -3.332  5.668   1.00 23.30  ? 32   GLN A N   1 
ATOM   260 C CA  . GLN A 1 33 ? 3.477   -2.432  6.788   1.00 25.61  ? 32   GLN A CA  1 
ATOM   261 C C   . GLN A 1 33 ? 3.036   -1.085  6.228   1.00 25.23  ? 32   GLN A C   1 
ATOM   262 O O   . GLN A 1 33 ? 3.655   -0.552  5.320   1.00 22.70  ? 32   GLN A O   1 
ATOM   263 C CB  . GLN A 1 33 ? 4.704   -2.270  7.678   1.00 24.24  ? 32   GLN A CB  1 
ATOM   264 C CG  . GLN A 1 33 ? 5.123   -3.605  8.257   1.00 31.06  ? 32   GLN A CG  1 
ATOM   265 C CD  . GLN A 1 33 ? 6.431   -3.556  9.037   1.00 30.86  ? 32   GLN A CD  1 
ATOM   266 O OE1 . GLN A 1 33 ? 7.464   -4.084  8.587   1.00 44.19  ? 32   GLN A OE1 1 
ATOM   267 N NE2 . GLN A 1 33 ? 6.393   -2.943  10.214  1.00 36.74  ? 32   GLN A NE2 1 
ATOM   268 N N   . VAL A 1 34 ? 1.942   -0.556  6.766   1.00 25.92  ? 33   VAL A N   1 
ATOM   269 C CA  . VAL A 1 34 ? 1.353   0.688   6.279   1.00 24.77  ? 33   VAL A CA  1 
ATOM   270 C C   . VAL A 1 34 ? 1.030   1.660   7.411   1.00 24.84  ? 33   VAL A C   1 
ATOM   271 O O   . VAL A 1 34 ? 0.871   1.273   8.568   1.00 22.58  ? 33   VAL A O   1 
ATOM   272 C CB  . VAL A 1 34 ? 0.076   0.407   5.436   1.00 25.60  ? 33   VAL A CB  1 
ATOM   273 C CG1 . VAL A 1 34 ? 0.387   -0.519  4.246   1.00 22.57  ? 33   VAL A CG1 1 
ATOM   274 C CG2 . VAL A 1 34 ? -1.042  -0.177  6.285   1.00 18.01  ? 33   VAL A CG2 1 
ATOM   275 N N   . SER A 1 35 ? 0.973   2.944   7.065   1.00 26.13  ? 34   SER A N   1 
ATOM   276 C CA  . SER A 1 35 ? 0.591   3.983   8.009   1.00 26.92  ? 34   SER A CA  1 
ATOM   277 C C   . SER A 1 35 ? -0.052  5.130   7.253   1.00 26.79  ? 34   SER A C   1 
ATOM   278 O O   . SER A 1 35 ? -0.054  5.144   6.028   1.00 28.22  ? 34   SER A O   1 
ATOM   279 C CB  . SER A 1 35 ? 1.813   4.482   8.816   1.00 26.52  ? 34   SER A CB  1 
ATOM   280 O OG  . SER A 1 35 ? 2.737   5.186   8.015   1.00 22.26  ? 34   SER A OG  1 
ATOM   281 N N   . ASP A 1 36 ? -0.570  6.095   8.004   1.00 27.92  ? 35   ASP A N   1 
ATOM   282 C CA  . ASP A 1 36 ? -1.251  7.256   7.443   1.00 28.16  ? 35   ASP A CA  1 
ATOM   283 C C   . ASP A 1 36 ? -2.387  6.796   6.539   1.00 27.31  ? 35   ASP A C   1 
ATOM   284 O O   . ASP A 1 36 ? -2.487  7.202   5.393   1.00 26.76  ? 35   ASP A O   1 
ATOM   285 C CB  . ASP A 1 36 ? -0.262  8.220   6.755   1.00 29.19  ? 35   ASP A CB  1 
ATOM   286 C CG  . ASP A 1 36 ? 0.397   9.179   7.752   1.00 36.05  ? 35   ASP A CG  1 
ATOM   287 O OD1 . ASP A 1 36 ? -0.309  10.076  8.262   1.00 48.64  ? 35   ASP A OD1 1 
ATOM   288 O OD2 . ASP A 1 36 ? 1.601   9.036   8.056   1.00 42.81  ? 35   ASP A OD2 1 
ATOM   289 N N   . ILE A 1 37 ? -3.256  5.963   7.121   1.00 26.39  ? 36   ILE A N   1 
ATOM   290 C CA  . ILE A 1 37 ? -4.319  5.294   6.396   1.00 27.30  ? 36   ILE A CA  1 
ATOM   291 C C   . ILE A 1 37 ? -5.645  6.086   6.362   1.00 27.98  ? 36   ILE A C   1 
ATOM   292 O O   . ILE A 1 37 ? -6.655  5.565   5.932   1.00 28.18  ? 36   ILE A O   1 
ATOM   293 C CB  . ILE A 1 37 ? -4.523  3.792   6.891   1.00 27.26  ? 36   ILE A CB  1 
ATOM   294 C CG1 . ILE A 1 37 ? -5.102  3.683   8.302   1.00 27.78  ? 36   ILE A CG1 1 
ATOM   295 C CG2 . ILE A 1 37 ? -3.209  3.005   6.807   1.00 27.42  ? 36   ILE A CG2 1 
ATOM   296 C CD1 . ILE A 1 37 ? -5.568  2.258   8.666   1.00 25.81  ? 36   ILE A CD1 1 
ATOM   297 N N   . GLU A 1 38 ? -5.609  7.362   6.762   1.00 29.10  ? 37   GLU A N   1 
ATOM   298 C CA  . GLU A 1 38 ? -6.781  8.241   6.784   1.00 29.78  ? 37   GLU A CA  1 
ATOM   299 C C   . GLU A 1 38 ? -7.315  8.578   5.388   1.00 31.11  ? 37   GLU A C   1 
ATOM   300 O O   . GLU A 1 38 ? -8.504  8.867   5.213   1.00 30.77  ? 37   GLU A O   1 
ATOM   301 C CB  . GLU A 1 38 ? -6.437  9.565   7.480   1.00 28.92  ? 37   GLU A CB  1 
ATOM   302 C CG  . GLU A 1 38 ? -6.202  9.470   8.988   1.00 34.17  ? 37   GLU A CG  1 
ATOM   303 C CD  . GLU A 1 38 ? -4.725  9.299   9.393   1.00 36.06  ? 37   GLU A CD  1 
ATOM   304 O OE1 . GLU A 1 38 ? -3.874  9.034   8.517   1.00 28.64  ? 37   GLU A OE1 1 
ATOM   305 O OE2 . GLU A 1 38 ? -4.422  9.445   10.602  1.00 39.85  ? 37   GLU A OE2 1 
ATOM   306 N N   . GLY A 1 39 ? -6.414  8.567   4.406   1.00 32.23  ? 38   GLY A N   1 
ATOM   307 C CA  . GLY A 1 39 ? -6.756  8.915   3.033   1.00 31.47  ? 38   GLY A CA  1 
ATOM   308 C C   . GLY A 1 39 ? -6.667  7.740   2.080   1.00 31.14  ? 38   GLY A C   1 
ATOM   309 O O   . GLY A 1 39 ? -6.619  6.587   2.500   1.00 32.36  ? 38   GLY A O   1 
ATOM   310 N N   . ARG A 1 40 ? -6.606  8.059   0.793   1.00 30.19  ? 39   ARG A N   1 
ATOM   311 C CA  A ARG A 1 40 ? -6.723  7.041   -0.255  0.50 29.40  ? 39   ARG A CA  1 
ATOM   312 C CA  B ARG A 1 40 ? -6.708  7.072   -0.296  0.50 29.52  ? 39   ARG A CA  1 
ATOM   313 C C   . ARG A 1 40 ? -5.385  6.410   -0.669  1.00 27.51  ? 39   ARG A C   1 
ATOM   314 O O   . ARG A 1 40 ? -5.344  5.237   -1.048  1.00 26.95  ? 39   ARG A O   1 
ATOM   315 C CB  A ARG A 1 40 ? -7.495  7.626   -1.440  0.50 29.29  ? 39   ARG A CB  1 
ATOM   316 C CB  B ARG A 1 40 ? -7.278  7.758   -1.531  0.50 29.12  ? 39   ARG A CB  1 
ATOM   317 C CG  A ARG A 1 40 ? -8.991  7.810   -1.100  0.50 29.43  ? 39   ARG A CG  1 
ATOM   318 C CG  B ARG A 1 40 ? -8.676  8.313   -1.312  0.50 30.78  ? 39   ARG A CG  1 
ATOM   319 C CD  A ARG A 1 40 ? -9.646  8.961   -1.855  0.50 30.37  ? 39   ARG A CD  1 
ATOM   320 C CD  B ARG A 1 40 ? -9.286  8.829   -2.607  0.50 31.24  ? 39   ARG A CD  1 
ATOM   321 N NE  A ARG A 1 40 ? -10.990 9.271   -1.349  0.50 31.26  ? 39   ARG A NE  1 
ATOM   322 N NE  B ARG A 1 40 ? -9.206  10.286  -2.762  0.50 33.94  ? 39   ARG A NE  1 
ATOM   323 C CZ  A ARG A 1 40 ? -11.715 10.328  -1.713  0.50 29.84  ? 39   ARG A CZ  1 
ATOM   324 C CZ  B ARG A 1 40 ? -8.173  10.956  -3.274  0.50 32.91  ? 39   ARG A CZ  1 
ATOM   325 N NH1 A ARG A 1 40 ? -11.241 11.199  -2.598  0.50 32.31  ? 39   ARG A NH1 1 
ATOM   326 N NH1 B ARG A 1 40 ? -7.082  10.328  -3.684  0.50 33.74  ? 39   ARG A NH1 1 
ATOM   327 N NH2 A ARG A 1 40 ? -12.924 10.522  -1.194  0.50 27.17  ? 39   ARG A NH2 1 
ATOM   328 N NH2 B ARG A 1 40 ? -8.234  12.278  -3.378  0.50 32.48  ? 39   ARG A NH2 1 
ATOM   329 N N   . TRP A 1 41 ? -4.308  7.187   -0.603  1.00 26.75  ? 40   TRP A N   1 
ATOM   330 C CA  . TRP A 1 41 ? -2.968  6.687   -0.831  1.00 27.58  ? 40   TRP A CA  1 
ATOM   331 C C   . TRP A 1 41 ? -2.316  6.544   0.519   1.00 27.49  ? 40   TRP A C   1 
ATOM   332 O O   . TRP A 1 41 ? -2.299  7.492   1.290   1.00 27.96  ? 40   TRP A O   1 
ATOM   333 C CB  . TRP A 1 41 ? -2.173  7.624   -1.722  1.00 27.22  ? 40   TRP A CB  1 
ATOM   334 C CG  . TRP A 1 41 ? -2.685  7.608   -3.114  1.00 26.78  ? 40   TRP A CG  1 
ATOM   335 C CD1 . TRP A 1 41 ? -3.736  8.324   -3.608  1.00 29.53  ? 40   TRP A CD1 1 
ATOM   336 C CD2 . TRP A 1 41 ? -2.195  6.815   -4.198  1.00 26.98  ? 40   TRP A CD2 1 
ATOM   337 N NE1 . TRP A 1 41 ? -3.922  8.031   -4.940  1.00 28.78  ? 40   TRP A NE1 1 
ATOM   338 C CE2 . TRP A 1 41 ? -2.986  7.110   -5.324  1.00 26.88  ? 40   TRP A CE2 1 
ATOM   339 C CE3 . TRP A 1 41 ? -1.146  5.896   -4.333  1.00 29.89  ? 40   TRP A CE3 1 
ATOM   340 C CZ2 . TRP A 1 41 ? -2.762  6.523   -6.570  1.00 29.61  ? 40   TRP A CZ2 1 
ATOM   341 C CZ3 . TRP A 1 41 ? -0.927  5.317   -5.557  1.00 27.09  ? 40   TRP A CZ3 1 
ATOM   342 C CH2 . TRP A 1 41 ? -1.741  5.624   -6.664  1.00 29.29  ? 40   TRP A CH2 1 
ATOM   343 N N   . TRP A 1 42 ? -1.839  5.333   0.816   1.00 27.47  ? 41   TRP A N   1 
ATOM   344 C CA  . TRP A 1 42 ? -1.210  5.012   2.105   1.00 25.60  ? 41   TRP A CA  1 
ATOM   345 C C   . TRP A 1 42 ? 0.322   4.931   2.031   1.00 24.86  ? 41   TRP A C   1 
ATOM   346 O O   . TRP A 1 42 ? 0.891   4.653   0.979   1.00 23.88  ? 41   TRP A O   1 
ATOM   347 C CB  . TRP A 1 42 ? -1.730  3.676   2.606   1.00 24.97  ? 41   TRP A CB  1 
ATOM   348 C CG  . TRP A 1 42 ? -3.188  3.621   2.896   1.00 21.71  ? 41   TRP A CG  1 
ATOM   349 C CD1 . TRP A 1 42 ? -4.079  4.646   2.860   1.00 22.03  ? 41   TRP A CD1 1 
ATOM   350 C CD2 . TRP A 1 42 ? -3.923  2.469   3.327   1.00 27.89  ? 41   TRP A CD2 1 
ATOM   351 N NE1 . TRP A 1 42 ? -5.313  4.214   3.221   1.00 24.01  ? 41   TRP A NE1 1 
ATOM   352 C CE2 . TRP A 1 42 ? -5.258  2.875   3.502   1.00 25.66  ? 41   TRP A CE2 1 
ATOM   353 C CE3 . TRP A 1 42 ? -3.586  1.125   3.561   1.00 21.92  ? 41   TRP A CE3 1 
ATOM   354 C CZ2 . TRP A 1 42 ? -6.266  1.991   3.912   1.00 22.11  ? 41   TRP A CZ2 1 
ATOM   355 C CZ3 . TRP A 1 42 ? -4.602  0.235   3.959   1.00 22.26  ? 41   TRP A CZ3 1 
ATOM   356 C CH2 . TRP A 1 42 ? -5.915  0.679   4.137   1.00 21.19  ? 41   TRP A CH2 1 
ATOM   357 N N   . LYS A 1 43 ? 0.987   5.167   3.162   1.00 25.98  ? 42   LYS A N   1 
ATOM   358 C CA  . LYS A 1 43 ? 2.457   5.014   3.254   1.00 24.93  ? 42   LYS A CA  1 
ATOM   359 C C   . LYS A 1 43 ? 2.718   3.534   3.509   1.00 24.82  ? 42   LYS A C   1 
ATOM   360 O O   . LYS A 1 43 ? 2.014   2.933   4.325   1.00 25.70  ? 42   LYS A O   1 
ATOM   361 C CB  . LYS A 1 43 ? 3.022   5.861   4.385   1.00 23.94  ? 42   LYS A CB  1 
ATOM   362 C CG  . LYS A 1 43 ? 2.762   7.336   4.243   1.00 22.96  ? 42   LYS A CG  1 
ATOM   363 C CD  . LYS A 1 43 ? 3.359   8.099   5.412   1.00 24.31  ? 42   LYS A CD  1 
ATOM   364 C CE  . LYS A 1 43 ? 2.962   9.568   5.383   1.00 26.55  ? 42   LYS A CE  1 
ATOM   365 N NZ  . LYS A 1 43 ? 3.332   10.256  4.123   1.00 25.83  ? 42   LYS A NZ  1 
ATOM   366 N N   . ALA A 1 44 ? 3.654   2.938   2.768   1.00 24.34  ? 43   ALA A N   1 
ATOM   367 C CA  . ALA A 1 44 ? 3.972   1.503   2.883   1.00 24.85  ? 43   ALA A CA  1 
ATOM   368 C C   . ALA A 1 44 ? 5.477   1.224   3.007   1.00 25.06  ? 43   ALA A C   1 
ATOM   369 O O   . ALA A 1 44 ? 6.302   1.979   2.517   1.00 21.86  ? 43   ALA A O   1 
ATOM   370 C CB  . ALA A 1 44 ? 3.430   0.732   1.683   1.00 26.10  ? 43   ALA A CB  1 
ATOM   371 N N   . ARG A 1 45 ? 5.807   0.109   3.653   1.00 24.97  ? 44   ARG A N   1 
ATOM   372 C CA  . ARG A 1 45 ? 7.152   -0.422  3.659   1.00 25.11  ? 44   ARG A CA  1 
ATOM   373 C C   . ARG A 1 45 ? 7.060   -1.905  3.297   1.00 24.92  ? 44   ARG A C   1 
ATOM   374 O O   . ARG A 1 45 ? 6.292   -2.680  3.907   1.00 23.77  ? 44   ARG A O   1 
ATOM   375 C CB  . ARG A 1 45 ? 7.803   -0.252  5.031   1.00 24.44  ? 44   ARG A CB  1 
ATOM   376 C CG  . ARG A 1 45 ? 9.193   -0.922  5.110   1.00 27.08  ? 44   ARG A CG  1 
ATOM   377 C CD  . ARG A 1 45 ? 9.963   -0.606  6.376   1.00 30.48  ? 44   ARG A CD  1 
ATOM   378 N NE  . ARG A 1 45 ? 9.123   -0.741  7.577   1.00 43.40  ? 44   ARG A NE  1 
ATOM   379 C CZ  . ARG A 1 45 ? 8.918   0.209   8.509   1.00 49.83  ? 44   ARG A CZ  1 
ATOM   380 N NH1 . ARG A 1 45 ? 9.493   1.423   8.430   1.00 51.51  ? 44   ARG A NH1 1 
ATOM   381 N NH2 . ARG A 1 45 ? 8.129   -0.058  9.554   1.00 47.83  ? 44   ARG A NH2 1 
ATOM   382 N N   . ARG A 1 46 ? 7.831   -2.294  2.291   1.00 24.42  ? 45   ARG A N   1 
ATOM   383 C CA  . ARG A 1 46 ? 7.973   -3.698  1.926   1.00 25.84  ? 45   ARG A CA  1 
ATOM   384 C C   . ARG A 1 46 ? 8.977   -4.404  2.849   1.00 25.86  ? 45   ARG A C   1 
ATOM   385 O O   . ARG A 1 46 ? 9.795   -3.744  3.509   1.00 23.92  ? 45   ARG A O   1 
ATOM   386 C CB  . ARG A 1 46 ? 8.439   -3.795  0.470   1.00 26.34  ? 45   ARG A CB  1 
ATOM   387 C CG  . ARG A 1 46 ? 7.517   -3.082  -0.502  1.00 29.45  ? 45   ARG A CG  1 
ATOM   388 C CD  . ARG A 1 46 ? 7.946   -3.258  -1.952  1.00 26.57  ? 45   ARG A CD  1 
ATOM   389 N NE  . ARG A 1 46 ? 7.688   -4.600  -2.458  1.00 26.94  ? 45   ARG A NE  1 
ATOM   390 C CZ  . ARG A 1 46 ? 8.005   -5.001  -3.684  1.00 29.86  ? 45   ARG A CZ  1 
ATOM   391 N NH1 . ARG A 1 46 ? 8.602   -4.167  -4.513  1.00 31.62  ? 45   ARG A NH1 1 
ATOM   392 N NH2 . ARG A 1 46 ? 7.726   -6.237  -4.082  1.00 26.75  ? 45   ARG A NH2 1 
ATOM   393 N N   . ALA A 1 47 ? 8.909   -5.746  2.902   1.00 27.49  ? 46   ALA A N   1 
ATOM   394 C CA  . ALA A 1 47 ? 9.904   -6.540  3.645   1.00 26.93  ? 46   ALA A CA  1 
ATOM   395 C C   . ALA A 1 47 ? 11.346  -6.195  3.225   1.00 26.98  ? 46   ALA A C   1 
ATOM   396 O O   . ALA A 1 47 ? 12.229  -6.164  4.047   1.00 26.64  ? 46   ALA A O   1 
ATOM   397 C CB  . ALA A 1 47 ? 9.649   -8.020  3.493   1.00 23.81  ? 46   ALA A CB  1 
ATOM   398 N N   . ASN A 1 48 ? 11.554  -5.892  1.942   1.00 28.16  ? 47   ASN A N   1 
ATOM   399 C CA  . ASN A 1 48 ? 12.881  -5.613  1.416   1.00 28.74  ? 47   ASN A CA  1 
ATOM   400 C C   . ASN A 1 48 ? 13.398  -4.239  1.785   1.00 27.70  ? 47   ASN A C   1 
ATOM   401 O O   . ASN A 1 48 ? 14.488  -3.876  1.376   1.00 27.24  ? 47   ASN A O   1 
ATOM   402 C CB  . ASN A 1 48 ? 12.907  -5.796  -0.112  1.00 28.71  ? 47   ASN A CB  1 
ATOM   403 C CG  . ASN A 1 48 ? 12.059  -4.768  -0.864  1.00 27.13  ? 47   ASN A CG  1 
ATOM   404 O OD1 . ASN A 1 48 ? 11.550  -3.819  -0.296  1.00 29.09  ? 47   ASN A OD1 1 
ATOM   405 N ND2 . ASN A 1 48 ? 11.934  -4.963  -2.168  1.00 32.06  ? 47   ASN A ND2 1 
ATOM   406 N N   . GLY A 1 49 ? 12.605  -3.479  2.527   1.00 28.04  ? 48   GLY A N   1 
ATOM   407 C CA  . GLY A 1 49 ? 12.991  -2.143  2.947   1.00 29.14  ? 48   GLY A CA  1 
ATOM   408 C C   . GLY A 1 49 ? 12.468  -1.031  2.061   1.00 28.87  ? 48   GLY A C   1 
ATOM   409 O O   . GLY A 1 49 ? 12.468  0.109   2.481   1.00 30.40  ? 48   GLY A O   1 
ATOM   410 N N   . GLU A 1 50 ? 12.034  -1.333  0.838   1.00 30.63  ? 49   GLU A N   1 
ATOM   411 C CA  . GLU A 1 50 ? 11.425  -0.315  -0.041  1.00 31.87  ? 49   GLU A CA  1 
ATOM   412 C C   . GLU A 1 50 ? 10.268  0.406   0.617   1.00 30.79  ? 49   GLU A C   1 
ATOM   413 O O   . GLU A 1 50 ? 9.459   -0.206  1.284   1.00 30.56  ? 49   GLU A O   1 
ATOM   414 C CB  . GLU A 1 50 ? 10.876  -0.922  -1.328  1.00 32.50  ? 49   GLU A CB  1 
ATOM   415 C CG  . GLU A 1 50 ? 11.899  -1.238  -2.349  1.00 36.38  ? 49   GLU A CG  1 
ATOM   416 C CD  . GLU A 1 50 ? 11.283  -1.651  -3.686  1.00 36.04  ? 49   GLU A CD  1 
ATOM   417 O OE1 . GLU A 1 50 ? 11.864  -2.558  -4.334  1.00 47.01  ? 49   GLU A OE1 1 
ATOM   418 O OE2 . GLU A 1 50 ? 10.248  -1.069  -4.091  1.00 38.87  ? 49   GLU A OE2 1 
ATOM   419 N N   . THR A 1 51 ? 10.170  1.700   0.351   1.00 31.27  ? 50   THR A N   1 
ATOM   420 C CA  . THR A 1 51 ? 9.292   2.604   1.061   1.00 32.40  ? 50   THR A CA  1 
ATOM   421 C C   . THR A 1 51 ? 8.671   3.543   0.031   1.00 32.10  ? 50   THR A C   1 
ATOM   422 O O   . THR A 1 51 ? 9.321   3.951   -0.935  1.00 31.32  ? 50   THR A O   1 
ATOM   423 C CB  . THR A 1 51 ? 10.111  3.352   2.162   1.00 35.11  ? 50   THR A CB  1 
ATOM   424 O OG1 . THR A 1 51 ? 10.076  2.595   3.391   1.00 36.47  ? 50   THR A OG1 1 
ATOM   425 C CG2 . THR A 1 51 ? 9.611   4.757   2.405   1.00 39.40  ? 50   THR A CG2 1 
ATOM   426 N N   . GLY A 1 52 ? 7.396   3.857   0.218   1.00 32.22  ? 51   GLY A N   1 
ATOM   427 C CA  . GLY A 1 52 ? 6.682   4.748   -0.706  1.00 31.37  ? 51   GLY A CA  1 
ATOM   428 C C   . GLY A 1 52 ? 5.188   4.718   -0.482  1.00 30.88  ? 51   GLY A C   1 
ATOM   429 O O   . GLY A 1 52 ? 4.727   4.201   0.532   1.00 33.02  ? 51   GLY A O   1 
ATOM   430 N N   . ILE A 1 53 ? 4.424   5.268   -1.412  1.00 29.40  ? 52   ILE A N   1 
ATOM   431 C CA  . ILE A 1 53 ? 2.966   5.248   -1.272  1.00 30.19  ? 52   ILE A CA  1 
ATOM   432 C C   . ILE A 1 53 ? 2.304   4.179   -2.139  1.00 29.46  ? 52   ILE A C   1 
ATOM   433 O O   . ILE A 1 53 ? 2.856   3.737   -3.150  1.00 27.90  ? 52   ILE A O   1 
ATOM   434 C CB  . ILE A 1 53 ? 2.300   6.634   -1.493  1.00 30.34  ? 52   ILE A CB  1 
ATOM   435 C CG1 . ILE A 1 53 ? 2.587   7.185   -2.893  1.00 28.44  ? 52   ILE A CG1 1 
ATOM   436 C CG2 . ILE A 1 53 ? 2.730   7.599   -0.386  1.00 30.30  ? 52   ILE A CG2 1 
ATOM   437 C CD1 . ILE A 1 53 ? 1.661   8.346   -3.276  1.00 31.15  ? 52   ILE A CD1 1 
ATOM   438 N N   . ILE A 1 54 ? 1.116   3.765   -1.705  1.00 28.69  ? 53   ILE A N   1 
ATOM   439 C CA  . ILE A 1 54 ? 0.394   2.669   -2.337  1.00 28.11  ? 53   ILE A CA  1 
ATOM   440 C C   . ILE A 1 54 ? -1.111  3.019   -2.487  1.00 27.13  ? 53   ILE A C   1 
ATOM   441 O O   . ILE A 1 54 ? -1.642  3.761   -1.670  1.00 27.04  ? 53   ILE A O   1 
ATOM   442 C CB  . ILE A 1 54 ? 0.637   1.361   -1.531  1.00 28.16  ? 53   ILE A CB  1 
ATOM   443 C CG1 . ILE A 1 54 ? 0.089   1.482   -0.092  1.00 29.96  ? 53   ILE A CG1 1 
ATOM   444 C CG2 . ILE A 1 54 ? 2.151   1.060   -1.510  1.00 26.62  ? 53   ILE A CG2 1 
ATOM   445 C CD1 . ILE A 1 54 ? -0.340  0.159   0.595   1.00 27.29  ? 53   ILE A CD1 1 
ATOM   446 N N   . PRO A 1 55 ? -1.778  2.520   -3.556  1.00 26.21  ? 54   PRO A N   1 
ATOM   447 C CA  . PRO A 1 55 ? -3.223  2.687   -3.685  1.00 26.16  ? 54   PRO A CA  1 
ATOM   448 C C   . PRO A 1 55 ? -3.968  1.789   -2.695  1.00 26.35  ? 54   PRO A C   1 
ATOM   449 O O   . PRO A 1 55 ? -3.850  0.562   -2.759  1.00 25.86  ? 54   PRO A O   1 
ATOM   450 C CB  . PRO A 1 55 ? -3.497  2.269   -5.144  1.00 27.10  ? 54   PRO A CB  1 
ATOM   451 C CG  . PRO A 1 55 ? -2.428  1.292   -5.466  1.00 26.11  ? 54   PRO A CG  1 
ATOM   452 C CD  . PRO A 1 55 ? -1.211  1.784   -4.708  1.00 26.20  ? 54   PRO A CD  1 
ATOM   453 N N   . SER A 1 56 ? -4.710  2.398   -1.769  1.00 26.17  ? 55   SER A N   1 
ATOM   454 C CA  . SER A 1 56 ? -5.349  1.646   -0.677  1.00 24.75  ? 55   SER A CA  1 
ATOM   455 C C   . SER A 1 56 ? -6.399  0.650   -1.145  1.00 24.30  ? 55   SER A C   1 
ATOM   456 O O   . SER A 1 56 ? -6.686  -0.299  -0.424  1.00 25.02  ? 55   SER A O   1 
ATOM   457 C CB  . SER A 1 56 ? -6.005  2.597   0.340   1.00 25.41  ? 55   SER A CB  1 
ATOM   458 O OG  . SER A 1 56 ? -6.923  3.493   -0.268  1.00 19.62  ? 55   SER A OG  1 
ATOM   459 N N   . ASN A 1 57 ? -6.975  0.870   -2.332  1.00 23.78  ? 56   ASN A N   1 
ATOM   460 C CA  . ASN A 1 57 ? -7.970  -0.062  -2.885  1.00 23.68  ? 56   ASN A CA  1 
ATOM   461 C C   . ASN A 1 57 ? -7.383  -1.405  -3.347  1.00 23.16  ? 56   ASN A C   1 
ATOM   462 O O   . ASN A 1 57 ? -8.136  -2.359  -3.573  1.00 21.99  ? 56   ASN A O   1 
ATOM   463 C CB  . ASN A 1 57 ? -8.841  0.583   -4.002  1.00 22.43  ? 56   ASN A CB  1 
ATOM   464 C CG  . ASN A 1 57 ? -8.033  1.149   -5.174  1.00 22.06  ? 56   ASN A CG  1 
ATOM   465 O OD1 . ASN A 1 57 ? -6.897  1.569   -5.016  1.00 25.24  ? 56   ASN A OD1 1 
ATOM   466 N ND2 . ASN A 1 57 ? -8.658  1.214   -6.346  1.00 16.71  ? 56   ASN A ND2 1 
ATOM   467 N N   . TYR A 1 58 ? -6.053  -1.469  -3.464  1.00 22.94  ? 57   TYR A N   1 
ATOM   468 C CA  . TYR A 1 58 ? -5.322  -2.690  -3.854  1.00 23.15  ? 57   TYR A CA  1 
ATOM   469 C C   . TYR A 1 58 ? -4.953  -3.629  -2.670  1.00 22.70  ? 57   TYR A C   1 
ATOM   470 O O   . TYR A 1 58 ? -4.429  -4.731  -2.878  1.00 22.60  ? 57   TYR A O   1 
ATOM   471 C CB  . TYR A 1 58 ? -4.046  -2.311  -4.635  1.00 22.69  ? 57   TYR A CB  1 
ATOM   472 C CG  . TYR A 1 58 ? -4.282  -2.118  -6.126  1.00 23.49  ? 57   TYR A CG  1 
ATOM   473 C CD1 . TYR A 1 58 ? -3.691  -2.961  -7.061  1.00 21.67  ? 57   TYR A CD1 1 
ATOM   474 C CD2 . TYR A 1 58 ? -5.100  -1.099  -6.595  1.00 23.89  ? 57   TYR A CD2 1 
ATOM   475 C CE1 . TYR A 1 58 ? -3.911  -2.795  -8.432  1.00 23.70  ? 57   TYR A CE1 1 
ATOM   476 C CE2 . TYR A 1 58 ? -5.333  -0.923  -7.957  1.00 23.10  ? 57   TYR A CE2 1 
ATOM   477 C CZ  . TYR A 1 58 ? -4.721  -1.773  -8.874  1.00 24.11  ? 57   TYR A CZ  1 
ATOM   478 O OH  . TYR A 1 58 ? -4.945  -1.617  -10.228 1.00 23.54  ? 57   TYR A OH  1 
ATOM   479 N N   . VAL A 1 59 ? -5.239  -3.196  -1.446  1.00 22.59  ? 58   VAL A N   1 
ATOM   480 C CA  . VAL A 1 59 ? -4.840  -3.931  -0.254  1.00 24.40  ? 58   VAL A CA  1 
ATOM   481 C C   . VAL A 1 59 ? -5.991  -4.056  0.742   1.00 26.05  ? 58   VAL A C   1 
ATOM   482 O O   . VAL A 1 59 ? -6.970  -3.306  0.685   1.00 27.88  ? 58   VAL A O   1 
ATOM   483 C CB  . VAL A 1 59 ? -3.607  -3.283  0.474   1.00 23.69  ? 58   VAL A CB  1 
ATOM   484 C CG1 . VAL A 1 59 ? -2.408  -3.036  -0.506  1.00 23.15  ? 58   VAL A CG1 1 
ATOM   485 C CG2 . VAL A 1 59 ? -3.994  -1.981  1.185   1.00 22.76  ? 58   VAL A CG2 1 
ATOM   486 N N   . GLN A 1 60 ? -5.840  -5.009  1.653   1.00 25.11  ? 59   GLN A N   1 
ATOM   487 C CA  . GLN A 1 60 ? -6.745  -5.218  2.769   1.00 25.37  ? 59   GLN A CA  1 
ATOM   488 C C   . GLN A 1 60 ? -5.972  -5.128  4.081   1.00 25.22  ? 59   GLN A C   1 
ATOM   489 O O   . GLN A 1 60 ? -4.939  -5.753  4.219   1.00 25.12  ? 59   GLN A O   1 
ATOM   490 C CB  . GLN A 1 60 ? -7.361  -6.613  2.673   1.00 24.50  ? 59   GLN A CB  1 
ATOM   491 C CG  . GLN A 1 60 ? -8.453  -6.891  3.722   1.00 27.19  ? 59   GLN A CG  1 
ATOM   492 C CD  A GLN A 1 60 ? -8.928  -8.319  3.692   0.50 24.65  ? 59   GLN A CD  1 
ATOM   493 O OE1 A GLN A 1 60 ? -10.031 -8.619  4.115   0.50 25.32  ? 59   GLN A OE1 1 
ATOM   494 N NE2 A GLN A 1 60 ? -8.085  -9.209  3.198   0.50 30.99  ? 59   GLN A NE2 1 
ATOM   495 N N   . LEU A 1 61 ? -6.506  -4.396  5.050   1.00 26.07  ? 60   LEU A N   1 
ATOM   496 C CA  . LEU A 1 61 ? -5.946  -4.351  6.398   1.00 25.44  ? 60   LEU A CA  1 
ATOM   497 C C   . LEU A 1 61 ? -6.117  -5.680  7.103   1.00 25.21  ? 60   LEU A C   1 
ATOM   498 O O   . LEU A 1 61 ? -7.222  -6.220  7.183   1.00 22.30  ? 60   LEU A O   1 
ATOM   499 C CB  . LEU A 1 61 ? -6.673  -3.281  7.221   1.00 27.41  ? 60   LEU A CB  1 
ATOM   500 C CG  . LEU A 1 61 ? -6.058  -1.943  7.641   1.00 29.60  ? 60   LEU A CG  1 
ATOM   501 C CD1 . LEU A 1 61 ? -4.803  -1.545  6.902   1.00 20.91  ? 60   LEU A CD1 1 
ATOM   502 C CD2 . LEU A 1 61 ? -7.150  -0.916  7.524   1.00 25.85  ? 60   LEU A CD2 1 
ATOM   503 N N   . ILE A 1 62 ? -5.037  -6.185  7.678   1.00 27.97  ? 61   ILE A N   1 
ATOM   504 C CA  . ILE A 1 62 ? -5.090  -7.498  8.341   1.00 28.28  ? 61   ILE A CA  1 
ATOM   505 C C   . ILE A 1 62 ? -4.582  -7.479  9.800   1.00 28.44  ? 61   ILE A C   1 
ATOM   506 O O   . ILE A 1 62 ? -4.873  -8.386  10.570  1.00 25.99  ? 61   ILE A O   1 
ATOM   507 C CB  . ILE A 1 62 ? -4.369  -8.599  7.515   1.00 29.43  ? 61   ILE A CB  1 
ATOM   508 C CG1 . ILE A 1 62 ? -2.905  -8.260  7.257   1.00 28.02  ? 61   ILE A CG1 1 
ATOM   509 C CG2 . ILE A 1 62 ? -5.071  -8.850  6.165   1.00 29.65  ? 61   ILE A CG2 1 
ATOM   510 C CD1 . ILE A 1 62 ? -2.110  -9.491  6.879   1.00 26.49  ? 61   ILE A CD1 1 
ATOM   511 N N   . ASP A 1 63 ? -3.864  -6.431  10.186  1.00 29.52  ? 62   ASP A N   1 
ATOM   512 C CA  . ASP A 1 63 ? -3.491  -6.264  11.579  1.00 29.81  ? 62   ASP A CA  1 
ATOM   513 C C   . ASP A 1 63 ? -3.200  -4.795  11.934  1.00 30.20  ? 62   ASP A C   1 
ATOM   514 O O   . ASP A 1 63 ? -3.067  -3.926  11.068  1.00 28.88  ? 62   ASP A O   1 
ATOM   515 C CB  . ASP A 1 63 ? -2.309  -7.165  11.927  1.00 29.47  ? 62   ASP A CB  1 
ATOM   516 C CG  . ASP A 1 63 ? -2.438  -7.790  13.317  1.00 35.00  ? 62   ASP A CG  1 
ATOM   517 O OD1 . ASP A 1 63 ? -3.273  -7.297  14.106  1.00 40.39  ? 62   ASP A OD1 1 
ATOM   518 O OD2 . ASP A 1 63 ? -1.716  -8.774  13.618  1.00 42.43  ? 62   ASP A OD2 1 
ATOM   519 N N   . GLY A 1 64 ? -3.134  -4.544  13.236  1.00 31.44  ? 63   GLY A N   1 
ATOM   520 C CA  . GLY A 1 64 ? -2.954  -3.217  13.769  1.00 32.41  ? 63   GLY A CA  1 
ATOM   521 C C   . GLY A 1 64 ? -4.166  -2.766  14.564  1.00 34.68  ? 63   GLY A C   1 
ATOM   522 O O   . GLY A 1 64 ? -5.189  -3.470  14.593  1.00 36.98  ? 63   GLY A O   1 
ATOM   523 N N   . PRO A 1 65 ? -4.054  -1.591  15.229  1.00 33.92  ? 64   PRO A N   1 
ATOM   524 C CA  . PRO A 1 65 ? -2.863  -0.731  15.183  1.00 34.58  ? 64   PRO A CA  1 
ATOM   525 C C   . PRO A 1 65 ? -1.718  -1.223  16.086  1.00 35.04  ? 64   PRO A C   1 
ATOM   526 O O   . PRO A 1 65 ? -1.968  -1.921  17.078  1.00 35.60  ? 64   PRO A O   1 
ATOM   527 C CB  . PRO A 1 65 ? -3.392  0.609   15.718  1.00 33.59  ? 64   PRO A CB  1 
ATOM   528 C CG  . PRO A 1 65 ? -4.412  0.227   16.699  1.00 30.57  ? 64   PRO A CG  1 
ATOM   529 C CD  . PRO A 1 65 ? -5.078  -1.024  16.127  1.00 34.00  ? 64   PRO A CD  1 
ATOM   530 N N   . GLU A 1 66 ? -0.488  -0.843  15.746  1.00 35.27  ? 65   GLU A N   1 
ATOM   531 C CA  . GLU A 1 66 ? 0.672   -1.072  16.602  1.00 35.51  ? 65   GLU A CA  1 
ATOM   532 C C   . GLU A 1 66 ? 1.514   0.185   16.796  1.00 34.28  ? 65   GLU A C   1 
ATOM   533 O O   . GLU A 1 66 ? 1.654   0.983   15.896  1.00 30.85  ? 65   GLU A O   1 
ATOM   534 C CB  . GLU A 1 66 ? 1.538   -2.202  16.028  1.00 37.01  ? 65   GLU A CB  1 
ATOM   535 C CG  . GLU A 1 66 ? 1.150   -3.588  16.536  1.00 43.43  ? 65   GLU A CG  1 
ATOM   536 C CD  . GLU A 1 66 ? 1.126   -3.684  18.080  1.00 47.86  ? 65   GLU A CD  1 
ATOM   537 O OE1 . GLU A 1 66 ? 0.021   -3.850  18.641  1.00 52.65  ? 65   GLU A OE1 1 
ATOM   538 O OE2 . GLU A 1 66 ? 2.191   -3.573  18.736  1.00 49.22  ? 65   GLU A OE2 1 
ATOM   539 N N   . GLU A 1 67 ? 2.082   0.338   17.992  1.00 36.33  ? 66   GLU A N   1 
ATOM   540 C CA  . GLU A 1 67 ? 3.005   1.418   18.282  1.00 37.34  ? 66   GLU A CA  1 
ATOM   541 C C   . GLU A 1 67 ? 4.407   0.958   17.909  1.00 37.96  ? 66   GLU A C   1 
ATOM   542 O O   . GLU A 1 67 ? 4.876   1.209   16.806  1.00 38.57  ? 66   GLU A O   1 
ATOM   543 C CB  . GLU A 1 67 ? 2.945   1.774   19.772  1.00 38.95  ? 66   GLU A CB  1 
ATOM   544 C CG  . GLU A 1 67 ? 3.202   3.246   20.089  1.00 43.06  ? 66   GLU A CG  1 
ATOM   545 C CD  . GLU A 1 67 ? 1.981   4.126   19.830  1.00 45.98  ? 66   GLU A CD  1 
ATOM   546 O OE1 . GLU A 1 67 ? 1.541   4.225   18.661  1.00 49.64  ? 66   GLU A OE1 1 
ATOM   547 O OE2 . GLU A 1 67 ? 1.468   4.725   20.798  1.00 46.82  ? 66   GLU A OE2 1 
ATOM   548 N N   . LYS B 2 2  ? -4.682  12.874  -5.973  1.00 53.25  ? 3    LYS C N   1 
ATOM   549 C CA  . LYS B 2 2  ? -4.459  11.924  -7.099  1.00 53.23  ? 3    LYS C CA  1 
ATOM   550 C C   . LYS B 2 2  ? -5.535  10.840  -7.046  1.00 53.85  ? 3    LYS C C   1 
ATOM   551 O O   . LYS B 2 2  ? -5.823  10.314  -5.978  1.00 55.38  ? 3    LYS C O   1 
ATOM   552 C CB  . LYS B 2 2  ? -3.068  11.291  -6.999  1.00 53.01  ? 3    LYS C CB  1 
ATOM   553 C CG  . LYS B 2 2  ? -2.666  10.487  -8.226  1.00 53.63  ? 3    LYS C CG  1 
ATOM   554 C CD  . LYS B 2 2  ? -1.317  9.795   -8.046  1.00 53.80  ? 3    LYS C CD  1 
ATOM   555 C CE  . LYS B 2 2  ? -0.794  9.244   -9.382  1.00 53.38  ? 3    LYS C CE  1 
ATOM   556 N NZ  . LYS B 2 2  ? -1.622  8.126   -9.917  1.00 50.66  ? 3    LYS C NZ  1 
ATOM   557 N N   . PRO B 2 3  ? -6.143  10.495  -8.193  1.00 53.14  ? 4    PRO C N   1 
ATOM   558 C CA  . PRO B 2 3  ? -7.164  9.462   -8.087  1.00 52.01  ? 4    PRO C CA  1 
ATOM   559 C C   . PRO B 2 3  ? -6.547  8.075   -7.913  1.00 51.51  ? 4    PRO C C   1 
ATOM   560 O O   . PRO B 2 3  ? -5.410  7.842   -8.308  1.00 52.39  ? 4    PRO C O   1 
ATOM   561 C CB  . PRO B 2 3  ? -7.928  9.565   -9.424  1.00 52.20  ? 4    PRO C CB  1 
ATOM   562 C CG  . PRO B 2 3  ? -7.282  10.653  -10.202 1.00 53.61  ? 4    PRO C CG  1 
ATOM   563 C CD  . PRO B 2 3  ? -5.965  10.950  -9.578  1.00 53.27  ? 4    PRO C CD  1 
ATOM   564 N N   . LEU B 2 4  ? -7.304  7.160   -7.332  1.00 50.74  ? 5    LEU C N   1 
ATOM   565 C CA  . LEU B 2 4  ? -6.864  5.787   -7.192  1.00 49.36  ? 5    LEU C CA  1 
ATOM   566 C C   . LEU B 2 4  ? -6.965  5.078   -8.524  1.00 49.27  ? 5    LEU C C   1 
ATOM   567 O O   . LEU B 2 4  ? -7.871  5.343   -9.294  1.00 47.66  ? 5    LEU C O   1 
ATOM   568 C CB  . LEU B 2 4  ? -7.709  5.041   -6.162  1.00 48.05  ? 5    LEU C CB  1 
ATOM   569 C CG  . LEU B 2 4  ? -7.473  5.469   -4.724  1.00 44.00  ? 5    LEU C CG  1 
ATOM   570 C CD1 . LEU B 2 4  ? -8.560  4.878   -3.815  1.00 43.92  ? 5    LEU C CD1 1 
ATOM   571 C CD2 . LEU B 2 4  ? -6.079  5.069   -4.309  1.00 36.30  ? 5    LEU C CD2 1 
ATOM   572 N N   . PRO B 2 5  ? -6.037  4.152   -8.787  1.00 49.78  ? 6    PRO C N   1 
ATOM   573 C CA  . PRO B 2 5  ? -6.129  3.378   -10.003 1.00 49.66  ? 6    PRO C CA  1 
ATOM   574 C C   . PRO B 2 5  ? -7.376  2.510   -10.005 1.00 50.29  ? 6    PRO C C   1 
ATOM   575 O O   . PRO B 2 5  ? -7.879  2.137   -8.931  1.00 49.76  ? 6    PRO C O   1 
ATOM   576 C CB  . PRO B 2 5  ? -4.872  2.503   -9.964  1.00 48.21  ? 6    PRO C CB  1 
ATOM   577 C CG  . PRO B 2 5  ? -4.422  2.520   -8.578  1.00 50.02  ? 6    PRO C CG  1 
ATOM   578 C CD  . PRO B 2 5  ? -4.864  3.784   -7.985  1.00 49.60  ? 6    PRO C CD  1 
ATOM   579 N N   . PRO B 2 6  ? -7.880  2.186   -11.209 1.00 49.54  ? 7    PRO C N   1 
ATOM   580 C CA  . PRO B 2 6  ? -8.935  1.191   -11.254 1.00 49.18  ? 7    PRO C CA  1 
ATOM   581 C C   . PRO B 2 6  ? -8.433  -0.159  -10.731 1.00 48.07  ? 7    PRO C C   1 
ATOM   582 O O   . PRO B 2 6  ? -7.259  -0.474  -10.872 1.00 48.12  ? 7    PRO C O   1 
ATOM   583 C CB  . PRO B 2 6  ? -9.321  1.127   -12.746 1.00 49.65  ? 7    PRO C CB  1 
ATOM   584 C CG  . PRO B 2 6  ? -8.210  1.767   -13.496 1.00 50.66  ? 7    PRO C CG  1 
ATOM   585 C CD  . PRO B 2 6  ? -7.516  2.701   -12.540 1.00 51.32  ? 7    PRO C CD  1 
ATOM   586 N N   . LEU B 2 7  ? -9.313  -0.932  -10.107 1.00 48.13  ? 8    LEU C N   1 
ATOM   587 C CA  . LEU B 2 7  ? -8.975  -2.272  -9.687  1.00 48.73  ? 8    LEU C CA  1 
ATOM   588 C C   . LEU B 2 7  ? -8.725  -3.104  -10.926 1.00 50.75  ? 8    LEU C C   1 
ATOM   589 O O   . LEU B 2 7  ? -9.288  -2.832  -11.995 1.00 52.31  ? 8    LEU C O   1 
ATOM   590 C CB  . LEU B 2 7  ? -10.094 -2.885  -8.848  1.00 48.52  ? 8    LEU C CB  1 
ATOM   591 C CG  . LEU B 2 7  ? -10.165 -2.388  -7.422  1.00 47.90  ? 8    LEU C CG  1 
ATOM   592 C CD1 . LEU B 2 7  ? -11.254 -3.138  -6.672  1.00 47.19  ? 8    LEU C CD1 1 
ATOM   593 C CD2 . LEU B 2 7  ? -8.810  -2.552  -6.723  1.00 49.29  ? 8    LEU C CD2 1 
ATOM   594 N N   . PRO B 2 8  ? -7.875  -4.124  -10.806 1.00 51.26  ? 9    PRO C N   1 
ATOM   595 C CA  . PRO B 2 8  ? -7.715  -4.944  -11.980 1.00 52.19  ? 9    PRO C CA  1 
ATOM   596 C C   . PRO B 2 8  ? -8.918  -5.853  -12.173 1.00 52.16  ? 9    PRO C C   1 
ATOM   597 O O   . PRO B 2 8  ? -9.809  -5.930  -11.319 1.00 51.33  ? 9    PRO C O   1 
ATOM   598 C CB  . PRO B 2 8  ? -6.467  -5.768  -11.657 1.00 51.09  ? 9    PRO C CB  1 
ATOM   599 C CG  . PRO B 2 8  ? -6.520  -5.911  -10.212 1.00 54.13  ? 9    PRO C CG  1 
ATOM   600 C CD  . PRO B 2 8  ? -7.058  -4.610  -9.689  1.00 50.50  ? 9    PRO C CD  1 
ATOM   601 N N   . LEU B 2 9  ? -8.923  -6.511  -13.319 1.00 53.12  ? 10   LEU C N   1 
ATOM   602 C CA  . LEU B 2 9  ? -9.801  -7.639  -13.589 1.00 54.64  ? 10   LEU C CA  1 
ATOM   603 C C   . LEU B 2 9  ? -10.026 -8.570  -12.373 1.00 56.06  ? 10   LEU C C   1 
ATOM   604 O O   . LEU B 2 9  ? -9.061  -9.022  -11.747 1.00 56.71  ? 10   LEU C O   1 
ATOM   605 C CB  . LEU B 2 9  ? -9.198  -8.451  -14.745 1.00 53.61  ? 10   LEU C CB  1 
ATOM   606 C CG  . LEU B 2 9  ? -10.242 -8.983  -15.669 1.00 49.37  ? 10   LEU C CG  1 
ATOM   607 C CD1 . LEU B 2 9  ? -11.091 -10.023 -14.972 1.00 51.89  ? 10   LEU C CD1 1 
ATOM   608 C CD2 . LEU B 2 9  ? -11.042 -7.795  -16.122 1.00 48.88  ? 10   LEU C CD2 1 
ATOM   609 N N   . ALA B 2 10 ? -11.299 -8.853  -12.069 1.00 57.10  ? 11   ALA C N   1 
ATOM   610 C CA  . ALA B 2 10 ? -11.687 -9.804  -11.012 1.00 57.16  ? 11   ALA C CA  1 
ATOM   611 C C   . ALA B 2 10 ? -11.815 -11.223 -11.568 1.00 58.01  ? 11   ALA C C   1 
ATOM   612 O O   . ALA B 2 10 ? -11.021 -12.111 -11.243 1.00 58.57  ? 11   ALA C O   1 
ATOM   613 C CB  . ALA B 2 10 ? -13.006 -9.373  -10.366 1.00 57.62  ? 11   ALA C CB  1 
HETATM 614 S S   . SO4 C 3 .  ? -5.420  11.126  -0.170  1.00 80.79  ? 1067 SO4 A S   1 
HETATM 615 O O1  . SO4 C 3 .  ? -4.458  10.024  -0.061  1.00 74.44  ? 1067 SO4 A O1  1 
HETATM 616 O O2  . SO4 C 3 .  ? -5.422  11.588  -1.555  1.00 78.97  ? 1067 SO4 A O2  1 
HETATM 617 O O3  . SO4 C 3 .  ? -6.798  10.767  0.201   1.00 76.39  ? 1067 SO4 A O3  1 
HETATM 618 O O4  . SO4 C 3 .  ? -4.989  12.165  0.759   1.00 81.92  ? 1067 SO4 A O4  1 
HETATM 619 S S   . SO4 D 3 .  ? -10.392 8.459   -6.120  1.00 125.37 ? 1012 SO4 C S   1 
HETATM 620 O O1  . SO4 D 3 .  ? -9.450  9.487   -5.667  1.00 124.32 ? 1012 SO4 C O1  1 
HETATM 621 O O2  . SO4 D 3 .  ? -9.858  7.753   -7.282  1.00 126.11 ? 1012 SO4 C O2  1 
HETATM 622 O O3  . SO4 D 3 .  ? -10.627 7.497   -5.046  1.00 124.67 ? 1012 SO4 C O3  1 
HETATM 623 O O4  . SO4 D 3 .  ? -11.665 9.072   -6.507  1.00 126.23 ? 1012 SO4 C O4  1 
HETATM 624 S S   . SO4 E 3 .  ? -12.740 0.608   -9.469  1.00 92.41  ? 1013 SO4 C S   1 
HETATM 625 O O1  . SO4 E 3 .  ? -11.812 0.938   -8.391  1.00 97.96  ? 1013 SO4 C O1  1 
HETATM 626 O O2  . SO4 E 3 .  ? -12.623 -0.821  -9.733  1.00 94.58  ? 1013 SO4 C O2  1 
HETATM 627 O O3  . SO4 E 3 .  ? -14.109 0.907   -9.056  1.00 91.69  ? 1013 SO4 C O3  1 
HETATM 628 O O4  . SO4 E 3 .  ? -12.391 1.412   -10.646 1.00 92.01  ? 1013 SO4 C O4  1 
HETATM 629 O O   . HOH F 4 .  ? -2.041  6.908   14.299  1.00 51.06  ? 2001 HOH A O   1 
HETATM 630 O O   . HOH F 4 .  ? -0.545  5.888   10.842  1.00 44.74  ? 2002 HOH A O   1 
HETATM 631 O O   . HOH F 4 .  ? 1.147   -4.043  12.712  1.00 52.60  ? 2003 HOH A O   1 
HETATM 632 O O   . HOH F 4 .  ? 3.455   -8.981  13.174  1.00 37.77  ? 2004 HOH A O   1 
HETATM 633 O O   . HOH F 4 .  ? -6.022  -12.651 5.250   1.00 56.18  ? 2005 HOH A O   1 
HETATM 634 O O   . HOH F 4 .  ? 4.712   -7.280  8.456   1.00 49.69  ? 2006 HOH A O   1 
HETATM 635 O O   . HOH F 4 .  ? 4.028   -5.960  -9.345  1.00 46.13  ? 2007 HOH A O   1 
HETATM 636 O O   . HOH F 4 .  ? -0.701  -1.863  -11.694 1.00 57.09  ? 2008 HOH A O   1 
HETATM 637 O O   . HOH F 4 .  ? 11.857  -6.342  -5.979  1.00 57.90  ? 2009 HOH A O   1 
HETATM 638 O O   . HOH F 4 .  ? -10.444 0.136   -0.253  1.00 65.71  ? 2010 HOH A O   1 
HETATM 639 O O   . HOH F 4 .  ? -4.926  -12.578 8.094   1.00 58.62  ? 2011 HOH A O   1 
HETATM 640 O O   . HOH F 4 .  ? 8.807   -0.030  -8.682  1.00 54.39  ? 2012 HOH A O   1 
HETATM 641 O O   . HOH F 4 .  ? 1.967   -10.647 -7.883  1.00 43.38  ? 2013 HOH A O   1 
HETATM 642 O O   . HOH F 4 .  ? 2.728   -13.150 1.957   1.00 32.14  ? 2014 HOH A O   1 
HETATM 643 O O   . HOH F 4 .  ? -4.568  -11.238 -1.117  1.00 55.94  ? 2015 HOH A O   1 
HETATM 644 O O   . HOH F 4 .  ? 6.674   -7.097  1.782   1.00 24.87  ? 2016 HOH A O   1 
HETATM 645 O O   . HOH F 4 .  ? 5.202   -6.527  6.127   1.00 39.21  ? 2017 HOH A O   1 
HETATM 646 O O   . HOH F 4 .  ? -3.315  6.200   10.263  1.00 33.49  ? 2018 HOH A O   1 
HETATM 647 O O   . HOH F 4 .  ? -3.869  8.622   3.562   1.00 46.68  ? 2019 HOH A O   1 
HETATM 648 O O   . HOH F 4 .  ? 7.244   -4.587  5.783   1.00 38.74  ? 2020 HOH A O   1 
HETATM 649 O O   . HOH F 4 .  ? 9.280   -4.456  -7.595  1.00 52.00  ? 2021 HOH A O   1 
HETATM 650 O O   . HOH F 4 .  ? 10.984  -3.747  6.160   1.00 40.03  ? 2022 HOH A O   1 
HETATM 651 O O   . HOH F 4 .  ? 8.862   -0.622  -6.106  1.00 48.75  ? 2023 HOH A O   1 
HETATM 652 O O   . HOH F 4 .  ? 12.802  4.828   4.127   1.00 57.58  ? 2024 HOH A O   1 
HETATM 653 O O   . HOH F 4 .  ? 9.604   5.758   -3.050  1.00 46.94  ? 2025 HOH A O   1 
HETATM 654 O O   . HOH F 4 .  ? -9.854  2.426   -1.350  1.00 50.22  ? 2026 HOH A O   1 
HETATM 655 O O   . HOH F 4 .  ? -8.542  -0.733  1.535   1.00 36.16  ? 2027 HOH A O   1 
HETATM 656 O O   . HOH F 4 .  ? -10.424 -3.031  -2.767  1.00 48.81  ? 2028 HOH A O   1 
HETATM 657 O O   . HOH F 4 .  ? -9.536  -3.175  -0.390  1.00 52.60  ? 2029 HOH A O   1 
HETATM 658 O O   . HOH F 4 .  ? -10.624 -11.100 5.250   1.00 64.59  ? 2030 HOH A O   1 
HETATM 659 O O   . HOH F 4 .  ? -9.156  -7.851  8.287   1.00 60.64  ? 2031 HOH A O   1 
HETATM 660 O O   . HOH F 4 .  ? -9.053  -2.770  4.264   1.00 37.80  ? 2032 HOH A O   1 
HETATM 661 O O   . HOH F 4 .  ? -7.217  -9.976  9.691   1.00 47.79  ? 2033 HOH A O   1 
HETATM 662 O O   . HOH F 4 .  ? 0.771   -1.552  20.393  1.00 59.39  ? 2034 HOH A O   1 
HETATM 663 O O   . HOH G 4 .  ? -8.141  -2.566  -14.479 1.00 45.74  ? 2001 HOH C O   1 
HETATM 664 O O   . HOH G 4 .  ? -7.814  -5.143  -15.395 1.00 42.85  ? 2002 HOH C O   1 
HETATM 665 O O   . HOH G 4 .  ? -11.444 0.432   -6.031  1.00 45.65  ? 2003 HOH C O   1 
# 
loop_
_pdbx_poly_seq_scheme.asym_id 
_pdbx_poly_seq_scheme.entity_id 
_pdbx_poly_seq_scheme.seq_id 
_pdbx_poly_seq_scheme.mon_id 
_pdbx_poly_seq_scheme.ndb_seq_num 
_pdbx_poly_seq_scheme.pdb_seq_num 
_pdbx_poly_seq_scheme.auth_seq_num 
_pdbx_poly_seq_scheme.pdb_mon_id 
_pdbx_poly_seq_scheme.auth_mon_id 
_pdbx_poly_seq_scheme.pdb_strand_id 
_pdbx_poly_seq_scheme.pdb_ins_code 
_pdbx_poly_seq_scheme.hetero 
A 1 1  ASP 1  0  ?  ?   ?   A . n 
A 1 2  ASP 2  1  1  ASP ASP A . n 
A 1 3  ASN 3  2  2  ASN ASN A . n 
A 1 4  PHE 4  3  3  PHE PHE A . n 
A 1 5  ILE 5  4  4  ILE ILE A . n 
A 1 6  TYR 6  5  5  TYR TYR A . n 
A 1 7  LYS 7  6  6  LYS LYS A . n 
A 1 8  ALA 8  7  7  ALA ALA A . n 
A 1 9  LYS 9  8  8  LYS LYS A . n 
A 1 10 ALA 10 9  9  ALA ALA A . n 
A 1 11 LEU 11 10 10 LEU LEU A . n 
A 1 12 TYR 12 11 11 TYR TYR A . n 
A 1 13 PRO 13 12 12 PRO PRO A . n 
A 1 14 TYR 14 13 13 TYR TYR A . n 
A 1 15 ASP 15 14 14 ASP ASP A . n 
A 1 16 ALA 16 15 15 ALA ALA A . n 
A 1 17 ASP 17 16 16 ASP ASP A . n 
A 1 18 ASP 18 17 17 ASP ASP A . n 
A 1 19 ASP 19 18 18 ASP ASP A . n 
A 1 20 ASP 20 19 19 ASP ASP A . n 
A 1 21 ALA 21 20 20 ALA ALA A . n 
A 1 22 TYR 22 21 21 TYR TYR A . n 
A 1 23 GLU 23 22 22 GLU GLU A . n 
A 1 24 ILE 24 23 23 ILE ILE A . n 
A 1 25 SER 25 24 24 SER SER A . n 
A 1 26 PHE 26 25 25 PHE PHE A . n 
A 1 27 GLU 27 26 26 GLU GLU A . n 
A 1 28 GLN 28 27 27 GLN GLN A . n 
A 1 29 ASN 29 28 28 ASN ASN A . n 
A 1 30 GLU 30 29 29 GLU GLU A . n 
A 1 31 ILE 31 30 30 ILE ILE A . n 
A 1 32 LEU 32 31 31 LEU LEU A . n 
A 1 33 GLN 33 32 32 GLN GLN A . n 
A 1 34 VAL 34 33 33 VAL VAL A . n 
A 1 35 SER 35 34 34 SER SER A . n 
A 1 36 ASP 36 35 35 ASP ASP A . n 
A 1 37 ILE 37 36 36 ILE ILE A . n 
A 1 38 GLU 38 37 37 GLU GLU A . n 
A 1 39 GLY 39 38 38 GLY GLY A . n 
A 1 40 ARG 40 39 39 ARG ARG A . n 
A 1 41 TRP 41 40 40 TRP TRP A . n 
A 1 42 TRP 42 41 41 TRP TRP A . n 
A 1 43 LYS 43 42 42 LYS LYS A . n 
A 1 44 ALA 44 43 43 ALA ALA A . n 
A 1 45 ARG 45 44 44 ARG ARG A . n 
A 1 46 ARG 46 45 45 ARG ARG A . n 
A 1 47 ALA 47 46 46 ALA ALA A . n 
A 1 48 ASN 48 47 47 ASN ASN A . n 
A 1 49 GLY 49 48 48 GLY GLY A . n 
A 1 50 GLU 50 49 49 GLU GLU A . n 
A 1 51 THR 51 50 50 THR THR A . n 
A 1 52 GLY 52 51 51 GLY GLY A . n 
A 1 53 ILE 53 52 52 ILE ILE A . n 
A 1 54 ILE 54 53 53 ILE ILE A . n 
A 1 55 PRO 55 54 54 PRO PRO A . n 
A 1 56 SER 56 55 55 SER SER A . n 
A 1 57 ASN 57 56 56 ASN ASN A . n 
A 1 58 TYR 58 57 57 TYR TYR A . n 
A 1 59 VAL 59 58 58 VAL VAL A . n 
A 1 60 GLN 60 59 59 GLN GLN A . n 
A 1 61 LEU 61 60 60 LEU LEU A . n 
A 1 62 ILE 62 61 61 ILE ILE A . n 
A 1 63 ASP 63 62 62 ASP ASP A . n 
A 1 64 GLY 64 63 63 GLY GLY A . n 
A 1 65 PRO 65 64 64 PRO PRO A . n 
A 1 66 GLU 66 65 65 GLU GLU A . n 
A 1 67 GLU 67 66 66 GLU GLU A . n 
A 1 68 MET 68 67 ?  ?   ?   A . n 
A 1 69 HIS 69 68 ?  ?   ?   A . n 
A 1 70 ARG 70 69 ?  ?   ?   A . n 
B 2 1  ASN 1  2  ?  ?   ?   C . n 
B 2 2  LYS 2  3  3  LYS LYS C . n 
B 2 3  PRO 3  4  4  PRO PRO C . n 
B 2 4  LEU 4  5  5  LEU LEU C . n 
B 2 5  PRO 5  6  6  PRO PRO C . n 
B 2 6  PRO 6  7  7  PRO PRO C . n 
B 2 7  LEU 7  8  8  LEU LEU C . n 
B 2 8  PRO 8  9  9  PRO PRO C . n 
B 2 9  LEU 9  10 10 LEU LEU C . n 
B 2 10 ALA 10 11 11 ALA ALA C . n 
B 2 11 GLY 11 12 ?  ?   ?   C . n 
B 2 12 SER 12 13 ?  ?   ?   C . n 
# 
loop_
_pdbx_nonpoly_scheme.asym_id 
_pdbx_nonpoly_scheme.entity_id 
_pdbx_nonpoly_scheme.mon_id 
_pdbx_nonpoly_scheme.ndb_seq_num 
_pdbx_nonpoly_scheme.pdb_seq_num 
_pdbx_nonpoly_scheme.auth_seq_num 
_pdbx_nonpoly_scheme.pdb_mon_id 
_pdbx_nonpoly_scheme.auth_mon_id 
_pdbx_nonpoly_scheme.pdb_strand_id 
_pdbx_nonpoly_scheme.pdb_ins_code 
C 3 SO4 1  1067 1067 SO4 SO4 A . 
D 3 SO4 1  1012 1012 SO4 SO4 C . 
E 3 SO4 1  1013 1013 SO4 SO4 C . 
F 4 HOH 1  2001 2001 HOH HOH A . 
F 4 HOH 2  2002 2002 HOH HOH A . 
F 4 HOH 3  2003 2003 HOH HOH A . 
F 4 HOH 4  2004 2004 HOH HOH A . 
F 4 HOH 5  2005 2005 HOH HOH A . 
F 4 HOH 6  2006 2006 HOH HOH A . 
F 4 HOH 7  2007 2007 HOH HOH A . 
F 4 HOH 8  2008 2008 HOH HOH A . 
F 4 HOH 9  2009 2009 HOH HOH A . 
F 4 HOH 10 2010 2010 HOH HOH A . 
F 4 HOH 11 2011 2011 HOH HOH A . 
F 4 HOH 12 2012 2012 HOH HOH A . 
F 4 HOH 13 2013 2013 HOH HOH A . 
F 4 HOH 14 2014 2014 HOH HOH A . 
F 4 HOH 15 2015 2015 HOH HOH A . 
F 4 HOH 16 2016 2016 HOH HOH A . 
F 4 HOH 17 2017 2017 HOH HOH A . 
F 4 HOH 18 2018 2018 HOH HOH A . 
F 4 HOH 19 2019 2019 HOH HOH A . 
F 4 HOH 20 2020 2020 HOH HOH A . 
F 4 HOH 21 2021 2021 HOH HOH A . 
F 4 HOH 22 2022 2022 HOH HOH A . 
F 4 HOH 23 2023 2023 HOH HOH A . 
F 4 HOH 24 2024 2024 HOH HOH A . 
F 4 HOH 25 2025 2025 HOH HOH A . 
F 4 HOH 26 2026 2026 HOH HOH A . 
F 4 HOH 27 2027 2027 HOH HOH A . 
F 4 HOH 28 2028 2028 HOH HOH A . 
F 4 HOH 29 2029 2029 HOH HOH A . 
F 4 HOH 30 2030 2030 HOH HOH A . 
F 4 HOH 31 2031 2031 HOH HOH A . 
F 4 HOH 32 2032 2032 HOH HOH A . 
F 4 HOH 33 2033 2033 HOH HOH A . 
F 4 HOH 34 2034 2034 HOH HOH A . 
G 4 HOH 1  2001 2001 HOH HOH C . 
G 4 HOH 2  2002 2002 HOH HOH C . 
G 4 HOH 3  2003 2003 HOH HOH C . 
# 
_pdbx_struct_assembly.id                   1 
_pdbx_struct_assembly.details              author_and_software_defined_assembly 
_pdbx_struct_assembly.method_details       PQS 
_pdbx_struct_assembly.oligomeric_details   dimeric 
_pdbx_struct_assembly.oligomeric_count     2 
# 
_pdbx_struct_assembly_gen.assembly_id       1 
_pdbx_struct_assembly_gen.oper_expression   1 
_pdbx_struct_assembly_gen.asym_id_list      A,B,C,D,E,F,G 
# 
loop_
_pdbx_struct_assembly_prop.biol_id 
_pdbx_struct_assembly_prop.type 
_pdbx_struct_assembly_prop.value 
_pdbx_struct_assembly_prop.details 
1 'ABSA (A^2)' 1060 ? 
1 MORE         -8.6 ? 
1 'SSA (A^2)'  6330 ? 
# 
_pdbx_struct_oper_list.id                   1 
_pdbx_struct_oper_list.type                 'identity operation' 
_pdbx_struct_oper_list.name                 1_555 
_pdbx_struct_oper_list.symmetry_operation   x,y,z 
_pdbx_struct_oper_list.matrix[1][1]         1.0000000000 
_pdbx_struct_oper_list.matrix[1][2]         0.0000000000 
_pdbx_struct_oper_list.matrix[1][3]         0.0000000000 
_pdbx_struct_oper_list.vector[1]            0.0000000000 
_pdbx_struct_oper_list.matrix[2][1]         0.0000000000 
_pdbx_struct_oper_list.matrix[2][2]         1.0000000000 
_pdbx_struct_oper_list.matrix[2][3]         0.0000000000 
_pdbx_struct_oper_list.vector[2]            0.0000000000 
_pdbx_struct_oper_list.matrix[3][1]         0.0000000000 
_pdbx_struct_oper_list.matrix[3][2]         0.0000000000 
_pdbx_struct_oper_list.matrix[3][3]         1.0000000000 
_pdbx_struct_oper_list.vector[3]            0.0000000000 
# 
loop_
_pdbx_audit_revision_history.ordinal 
_pdbx_audit_revision_history.data_content_type 
_pdbx_audit_revision_history.major_revision 
_pdbx_audit_revision_history.minor_revision 
_pdbx_audit_revision_history.revision_date 
1 'Structure model' 1 0 2008-02-05 
2 'Structure model' 1 1 2011-07-13 
3 'Structure model' 1 2 2019-01-30 
4 'Structure model' 1 3 2023-12-13 
# 
_pdbx_audit_revision_details.ordinal             1 
_pdbx_audit_revision_details.revision_ordinal    1 
_pdbx_audit_revision_details.data_content_type   'Structure model' 
_pdbx_audit_revision_details.provider            repository 
_pdbx_audit_revision_details.type                'Initial release' 
_pdbx_audit_revision_details.description         ? 
_pdbx_audit_revision_details.details             ? 
# 
loop_
_pdbx_audit_revision_group.ordinal 
_pdbx_audit_revision_group.revision_ordinal 
_pdbx_audit_revision_group.data_content_type 
_pdbx_audit_revision_group.group 
1 2 'Structure model' Advisory                    
2 2 'Structure model' 'Version format compliance' 
3 3 'Structure model' 'Data collection'           
4 3 'Structure model' 'Experimental preparation'  
5 3 'Structure model' Other                       
6 4 'Structure model' 'Data collection'           
7 4 'Structure model' 'Database references'       
8 4 'Structure model' Other                       
9 4 'Structure model' 'Refinement description'    
# 
loop_
_pdbx_audit_revision_category.ordinal 
_pdbx_audit_revision_category.revision_ordinal 
_pdbx_audit_revision_category.data_content_type 
_pdbx_audit_revision_category.category 
1 3 'Structure model' exptl_crystal_grow            
2 3 'Structure model' pdbx_database_proc            
3 3 'Structure model' pdbx_database_status          
4 4 'Structure model' chem_comp_atom                
5 4 'Structure model' chem_comp_bond                
6 4 'Structure model' database_2                    
7 4 'Structure model' pdbx_database_status          
8 4 'Structure model' pdbx_initial_refinement_model 
# 
loop_
_pdbx_audit_revision_item.ordinal 
_pdbx_audit_revision_item.revision_ordinal 
_pdbx_audit_revision_item.data_content_type 
_pdbx_audit_revision_item.item 
1 3 'Structure model' '_exptl_crystal_grow.method'                  
2 3 'Structure model' '_pdbx_database_status.recvd_author_approval' 
3 4 'Structure model' '_database_2.pdbx_DOI'                        
4 4 'Structure model' '_database_2.pdbx_database_accession'         
5 4 'Structure model' '_pdbx_database_status.status_code_sf'        
# 
loop_
_pdbx_refine_tls.pdbx_refine_id 
_pdbx_refine_tls.id 
_pdbx_refine_tls.details 
_pdbx_refine_tls.method 
_pdbx_refine_tls.origin_x 
_pdbx_refine_tls.origin_y 
_pdbx_refine_tls.origin_z 
_pdbx_refine_tls.T[1][1] 
_pdbx_refine_tls.T[2][2] 
_pdbx_refine_tls.T[3][3] 
_pdbx_refine_tls.T[1][2] 
_pdbx_refine_tls.T[1][3] 
_pdbx_refine_tls.T[2][3] 
_pdbx_refine_tls.L[1][1] 
_pdbx_refine_tls.L[2][2] 
_pdbx_refine_tls.L[3][3] 
_pdbx_refine_tls.L[1][2] 
_pdbx_refine_tls.L[1][3] 
_pdbx_refine_tls.L[2][3] 
_pdbx_refine_tls.S[1][1] 
_pdbx_refine_tls.S[1][2] 
_pdbx_refine_tls.S[1][3] 
_pdbx_refine_tls.S[2][1] 
_pdbx_refine_tls.S[2][2] 
_pdbx_refine_tls.S[2][3] 
_pdbx_refine_tls.S[3][1] 
_pdbx_refine_tls.S[3][2] 
_pdbx_refine_tls.S[3][3] 
'X-RAY DIFFRACTION' 1  ? refined -0.7564 -0.1714 11.0634  0.0421  0.0876  0.0979  -0.0615 -0.0228 -0.0176 9.0387  6.3656  21.0883 -7.3917  -1.8519 4.0919   -0.2614 -0.6436 0.6559  0.1871  0.7456  -1.0945 -0.8151 0.5257  -0.4842 
'X-RAY DIFFRACTION' 2  ? refined -2.1005 -4.9679 -6.9059  0.0943  0.1778  -0.1081 0.1022  -0.0693 -0.0561 18.6489 21.4957 6.9581  11.8699  -3.3872 -10.1252 0.4897  1.3647  -0.1002 -1.3168 -0.4474 0.7365  0.6690  -0.2305 -0.0423 
'X-RAY DIFFRACTION' 3  ? refined 6.5113  7.2823  -10.2934 0.2669  0.6726  0.1832  -0.0155 0.2508  0.0617  8.7805  58.1863 42.7552 21.3994  -4.1795 -25.8679 -1.1931 0.5259  0.3652  -5.0302 2.5392  -0.9303 -2.5796 -1.8437 -1.3462 
'X-RAY DIFFRACTION' 4  ? refined 3.1141  -3.4277 -5.4062  0.0465  0.3019  -0.0462 0.0863  -0.0001 0.0353  7.3908  26.9435 5.0427  7.4293   -4.6218 -7.1920  0.9239  1.0019  -0.0701 -0.7784 -1.2065 -0.6711 0.2876  0.3331  0.2827  
'X-RAY DIFFRACTION' 5  ? refined 2.1490  -4.9751 3.5229   0.0401  0.1135  0.0412  -0.0263 -0.0689 -0.0084 2.1554  26.5109 12.5760 -3.6761  -4.0504 14.7441  0.0932  0.2207  0.0725  0.5749  0.0098  -0.3049 0.4769  0.3548  -0.1031 
'X-RAY DIFFRACTION' 6  ? refined -5.1839 7.6858  1.9221   0.1767  -0.0219 0.1123  0.0156  -0.0186 0.0075  24.3637 4.2130  12.4241 0.9957   -4.9011 1.7489   0.0930  0.0322  1.7164  -0.0556 0.1990  -0.6402 -1.0478 -0.1451 -0.2920 
'X-RAY DIFFRACTION' 7  ? refined 3.6262  1.2554  2.9745   0.0727  0.0643  0.0082  -0.1003 -0.0001 0.0135  18.8595 14.7505 5.5859  -11.6032 -0.9687 0.4135   0.1121  -0.1080 1.1805  0.3732  -0.1852 -1.0888 -0.0098 0.1774  0.0731  
'X-RAY DIFFRACTION' 8  ? refined 7.8424  0.3804  -0.0400  0.0287  0.1568  0.0389  -0.0460 0.0210  -0.0012 11.3961 17.9505 3.7524  -6.7827  1.7800  -7.2126  0.1098  1.2532  0.8870  -0.6665 -0.2715 -0.9786 0.2087  0.2900  0.1617  
'X-RAY DIFFRACTION' 9  ? refined -5.6991 -2.0178 -0.8866  0.0711  0.1469  0.0152  -0.0453 -0.0571 -0.0273 3.4363  12.8201 6.6994  -5.1418  4.5273  -4.8338  0.0264  0.6206  -0.2751 0.0719  -0.2298 0.3168  -0.4481 -0.4806 0.2034  
'X-RAY DIFFRACTION' 10 ? refined -1.3297 -2.9543 14.4778  0.1813  0.0356  0.0051  0.0701  -0.1630 0.0335  18.3202 27.0683 21.4878 1.9478   -4.6457 15.4758  -0.1022 -1.5224 -0.0708 2.1466  0.1614  -1.3133 1.0856  0.8597  -0.0593 
'X-RAY DIFFRACTION' 11 ? refined -7.2328 1.5203  -9.9013  -0.0604 0.0777  -0.2777 0.0615  -0.1396 0.0065  7.5859  24.4679 22.4560 0.5882   0.8808  23.4334  -0.2190 0.7046  0.2130  -0.0117 0.5760  -0.0940 -0.1767 0.3701  -0.3570 
# 
loop_
_pdbx_refine_tls_group.pdbx_refine_id 
_pdbx_refine_tls_group.id 
_pdbx_refine_tls_group.refine_tls_id 
_pdbx_refine_tls_group.beg_auth_asym_id 
_pdbx_refine_tls_group.beg_auth_seq_id 
_pdbx_refine_tls_group.beg_label_asym_id 
_pdbx_refine_tls_group.beg_label_seq_id 
_pdbx_refine_tls_group.end_auth_asym_id 
_pdbx_refine_tls_group.end_auth_seq_id 
_pdbx_refine_tls_group.end_label_asym_id 
_pdbx_refine_tls_group.end_label_seq_id 
_pdbx_refine_tls_group.selection 
_pdbx_refine_tls_group.selection_details 
'X-RAY DIFFRACTION' 1  1  A 1  ? ? A 8  ? ? ? ? 
'X-RAY DIFFRACTION' 2  2  A 9  ? ? A 14 ? ? ? ? 
'X-RAY DIFFRACTION' 3  3  A 15 ? ? A 21 ? ? ? ? 
'X-RAY DIFFRACTION' 4  4  A 22 ? ? A 27 ? ? ? ? 
'X-RAY DIFFRACTION' 5  5  A 28 ? ? A 34 ? ? ? ? 
'X-RAY DIFFRACTION' 6  6  A 35 ? ? A 40 ? ? ? ? 
'X-RAY DIFFRACTION' 7  7  A 41 ? ? A 45 ? ? ? ? 
'X-RAY DIFFRACTION' 8  8  A 46 ? ? A 53 ? ? ? ? 
'X-RAY DIFFRACTION' 9  9  A 54 ? ? A 60 ? ? ? ? 
'X-RAY DIFFRACTION' 10 10 A 61 ? ? A 66 ? ? ? ? 
'X-RAY DIFFRACTION' 11 11 C 3  ? ? C 11 ? ? ? ? 
# 
loop_
_software.name 
_software.classification 
_software.version 
_software.citation_id 
_software.pdbx_ordinal 
REFMAC refinement       5.2.0019 ? 1 
XDS    'data reduction' .        ? 2 
XSCALE 'data scaling'   .        ? 3 
MOLREP phasing          .        ? 4 
# 
_pdbx_validate_torsion.id              1 
_pdbx_validate_torsion.PDB_model_num   1 
_pdbx_validate_torsion.auth_comp_id    LEU 
_pdbx_validate_torsion.auth_asym_id    C 
_pdbx_validate_torsion.auth_seq_id     10 
_pdbx_validate_torsion.PDB_ins_code    ? 
_pdbx_validate_torsion.label_alt_id    ? 
_pdbx_validate_torsion.phi             -37.39 
_pdbx_validate_torsion.psi             128.90 
# 
loop_
_pdbx_unobs_or_zero_occ_atoms.id 
_pdbx_unobs_or_zero_occ_atoms.PDB_model_num 
_pdbx_unobs_or_zero_occ_atoms.polymer_flag 
_pdbx_unobs_or_zero_occ_atoms.occupancy_flag 
_pdbx_unobs_or_zero_occ_atoms.auth_asym_id 
_pdbx_unobs_or_zero_occ_atoms.auth_comp_id 
_pdbx_unobs_or_zero_occ_atoms.auth_seq_id 
_pdbx_unobs_or_zero_occ_atoms.PDB_ins_code 
_pdbx_unobs_or_zero_occ_atoms.auth_atom_id 
_pdbx_unobs_or_zero_occ_atoms.label_alt_id 
_pdbx_unobs_or_zero_occ_atoms.label_asym_id 
_pdbx_unobs_or_zero_occ_atoms.label_comp_id 
_pdbx_unobs_or_zero_occ_atoms.label_seq_id 
_pdbx_unobs_or_zero_occ_atoms.label_atom_id 
1 1 Y 1 A ASN 2 ? CG  ? A ASN 3 CG  
2 1 Y 1 A ASN 2 ? OD1 ? A ASN 3 OD1 
3 1 Y 1 A ASN 2 ? ND2 ? A ASN 3 ND2 
# 
loop_
_pdbx_unobs_or_zero_occ_residues.id 
_pdbx_unobs_or_zero_occ_residues.PDB_model_num 
_pdbx_unobs_or_zero_occ_residues.polymer_flag 
_pdbx_unobs_or_zero_occ_residues.occupancy_flag 
_pdbx_unobs_or_zero_occ_residues.auth_asym_id 
_pdbx_unobs_or_zero_occ_residues.auth_comp_id 
_pdbx_unobs_or_zero_occ_residues.auth_seq_id 
_pdbx_unobs_or_zero_occ_residues.PDB_ins_code 
_pdbx_unobs_or_zero_occ_residues.label_asym_id 
_pdbx_unobs_or_zero_occ_residues.label_comp_id 
_pdbx_unobs_or_zero_occ_residues.label_seq_id 
1 1 Y 1 A ASP 0  ? A ASP 1  
2 1 Y 1 A MET 67 ? A MET 68 
3 1 Y 1 A HIS 68 ? A HIS 69 
4 1 Y 1 A ARG 69 ? A ARG 70 
5 1 Y 1 C ASN 2  ? B ASN 1  
6 1 Y 1 C GLY 12 ? B GLY 11 
7 1 Y 1 C SER 13 ? B SER 12 
# 
loop_
_chem_comp_atom.comp_id 
_chem_comp_atom.atom_id 
_chem_comp_atom.type_symbol 
_chem_comp_atom.pdbx_aromatic_flag 
_chem_comp_atom.pdbx_stereo_config 
_chem_comp_atom.pdbx_ordinal 
ALA N    N N N 1   
ALA CA   C N S 2   
ALA C    C N N 3   
ALA O    O N N 4   
ALA CB   C N N 5   
ALA OXT  O N N 6   
ALA H    H N N 7   
ALA H2   H N N 8   
ALA HA   H N N 9   
ALA HB1  H N N 10  
ALA HB2  H N N 11  
ALA HB3  H N N 12  
ALA HXT  H N N 13  
ARG N    N N N 14  
ARG CA   C N S 15  
ARG C    C N N 16  
ARG O    O N N 17  
ARG CB   C N N 18  
ARG CG   C N N 19  
ARG CD   C N N 20  
ARG NE   N N N 21  
ARG CZ   C N N 22  
ARG NH1  N N N 23  
ARG NH2  N N N 24  
ARG OXT  O N N 25  
ARG H    H N N 26  
ARG H2   H N N 27  
ARG HA   H N N 28  
ARG HB2  H N N 29  
ARG HB3  H N N 30  
ARG HG2  H N N 31  
ARG HG3  H N N 32  
ARG HD2  H N N 33  
ARG HD3  H N N 34  
ARG HE   H N N 35  
ARG HH11 H N N 36  
ARG HH12 H N N 37  
ARG HH21 H N N 38  
ARG HH22 H N N 39  
ARG HXT  H N N 40  
ASN N    N N N 41  
ASN CA   C N S 42  
ASN C    C N N 43  
ASN O    O N N 44  
ASN CB   C N N 45  
ASN CG   C N N 46  
ASN OD1  O N N 47  
ASN ND2  N N N 48  
ASN OXT  O N N 49  
ASN H    H N N 50  
ASN H2   H N N 51  
ASN HA   H N N 52  
ASN HB2  H N N 53  
ASN HB3  H N N 54  
ASN HD21 H N N 55  
ASN HD22 H N N 56  
ASN HXT  H N N 57  
ASP N    N N N 58  
ASP CA   C N S 59  
ASP C    C N N 60  
ASP O    O N N 61  
ASP CB   C N N 62  
ASP CG   C N N 63  
ASP OD1  O N N 64  
ASP OD2  O N N 65  
ASP OXT  O N N 66  
ASP H    H N N 67  
ASP H2   H N N 68  
ASP HA   H N N 69  
ASP HB2  H N N 70  
ASP HB3  H N N 71  
ASP HD2  H N N 72  
ASP HXT  H N N 73  
GLN N    N N N 74  
GLN CA   C N S 75  
GLN C    C N N 76  
GLN O    O N N 77  
GLN CB   C N N 78  
GLN CG   C N N 79  
GLN CD   C N N 80  
GLN OE1  O N N 81  
GLN NE2  N N N 82  
GLN OXT  O N N 83  
GLN H    H N N 84  
GLN H2   H N N 85  
GLN HA   H N N 86  
GLN HB2  H N N 87  
GLN HB3  H N N 88  
GLN HG2  H N N 89  
GLN HG3  H N N 90  
GLN HE21 H N N 91  
GLN HE22 H N N 92  
GLN HXT  H N N 93  
GLU N    N N N 94  
GLU CA   C N S 95  
GLU C    C N N 96  
GLU O    O N N 97  
GLU CB   C N N 98  
GLU CG   C N N 99  
GLU CD   C N N 100 
GLU OE1  O N N 101 
GLU OE2  O N N 102 
GLU OXT  O N N 103 
GLU H    H N N 104 
GLU H2   H N N 105 
GLU HA   H N N 106 
GLU HB2  H N N 107 
GLU HB3  H N N 108 
GLU HG2  H N N 109 
GLU HG3  H N N 110 
GLU HE2  H N N 111 
GLU HXT  H N N 112 
GLY N    N N N 113 
GLY CA   C N N 114 
GLY C    C N N 115 
GLY O    O N N 116 
GLY OXT  O N N 117 
GLY H    H N N 118 
GLY H2   H N N 119 
GLY HA2  H N N 120 
GLY HA3  H N N 121 
GLY HXT  H N N 122 
HIS N    N N N 123 
HIS CA   C N S 124 
HIS C    C N N 125 
HIS O    O N N 126 
HIS CB   C N N 127 
HIS CG   C Y N 128 
HIS ND1  N Y N 129 
HIS CD2  C Y N 130 
HIS CE1  C Y N 131 
HIS NE2  N Y N 132 
HIS OXT  O N N 133 
HIS H    H N N 134 
HIS H2   H N N 135 
HIS HA   H N N 136 
HIS HB2  H N N 137 
HIS HB3  H N N 138 
HIS HD1  H N N 139 
HIS HD2  H N N 140 
HIS HE1  H N N 141 
HIS HE2  H N N 142 
HIS HXT  H N N 143 
HOH O    O N N 144 
HOH H1   H N N 145 
HOH H2   H N N 146 
ILE N    N N N 147 
ILE CA   C N S 148 
ILE C    C N N 149 
ILE O    O N N 150 
ILE CB   C N S 151 
ILE CG1  C N N 152 
ILE CG2  C N N 153 
ILE CD1  C N N 154 
ILE OXT  O N N 155 
ILE H    H N N 156 
ILE H2   H N N 157 
ILE HA   H N N 158 
ILE HB   H N N 159 
ILE HG12 H N N 160 
ILE HG13 H N N 161 
ILE HG21 H N N 162 
ILE HG22 H N N 163 
ILE HG23 H N N 164 
ILE HD11 H N N 165 
ILE HD12 H N N 166 
ILE HD13 H N N 167 
ILE HXT  H N N 168 
LEU N    N N N 169 
LEU CA   C N S 170 
LEU C    C N N 171 
LEU O    O N N 172 
LEU CB   C N N 173 
LEU CG   C N N 174 
LEU CD1  C N N 175 
LEU CD2  C N N 176 
LEU OXT  O N N 177 
LEU H    H N N 178 
LEU H2   H N N 179 
LEU HA   H N N 180 
LEU HB2  H N N 181 
LEU HB3  H N N 182 
LEU HG   H N N 183 
LEU HD11 H N N 184 
LEU HD12 H N N 185 
LEU HD13 H N N 186 
LEU HD21 H N N 187 
LEU HD22 H N N 188 
LEU HD23 H N N 189 
LEU HXT  H N N 190 
LYS N    N N N 191 
LYS CA   C N S 192 
LYS C    C N N 193 
LYS O    O N N 194 
LYS CB   C N N 195 
LYS CG   C N N 196 
LYS CD   C N N 197 
LYS CE   C N N 198 
LYS NZ   N N N 199 
LYS OXT  O N N 200 
LYS H    H N N 201 
LYS H2   H N N 202 
LYS HA   H N N 203 
LYS HB2  H N N 204 
LYS HB3  H N N 205 
LYS HG2  H N N 206 
LYS HG3  H N N 207 
LYS HD2  H N N 208 
LYS HD3  H N N 209 
LYS HE2  H N N 210 
LYS HE3  H N N 211 
LYS HZ1  H N N 212 
LYS HZ2  H N N 213 
LYS HZ3  H N N 214 
LYS HXT  H N N 215 
MET N    N N N 216 
MET CA   C N S 217 
MET C    C N N 218 
MET O    O N N 219 
MET CB   C N N 220 
MET CG   C N N 221 
MET SD   S N N 222 
MET CE   C N N 223 
MET OXT  O N N 224 
MET H    H N N 225 
MET H2   H N N 226 
MET HA   H N N 227 
MET HB2  H N N 228 
MET HB3  H N N 229 
MET HG2  H N N 230 
MET HG3  H N N 231 
MET HE1  H N N 232 
MET HE2  H N N 233 
MET HE3  H N N 234 
MET HXT  H N N 235 
PHE N    N N N 236 
PHE CA   C N S 237 
PHE C    C N N 238 
PHE O    O N N 239 
PHE CB   C N N 240 
PHE CG   C Y N 241 
PHE CD1  C Y N 242 
PHE CD2  C Y N 243 
PHE CE1  C Y N 244 
PHE CE2  C Y N 245 
PHE CZ   C Y N 246 
PHE OXT  O N N 247 
PHE H    H N N 248 
PHE H2   H N N 249 
PHE HA   H N N 250 
PHE HB2  H N N 251 
PHE HB3  H N N 252 
PHE HD1  H N N 253 
PHE HD2  H N N 254 
PHE HE1  H N N 255 
PHE HE2  H N N 256 
PHE HZ   H N N 257 
PHE HXT  H N N 258 
PRO N    N N N 259 
PRO CA   C N S 260 
PRO C    C N N 261 
PRO O    O N N 262 
PRO CB   C N N 263 
PRO CG   C N N 264 
PRO CD   C N N 265 
PRO OXT  O N N 266 
PRO H    H N N 267 
PRO HA   H N N 268 
PRO HB2  H N N 269 
PRO HB3  H N N 270 
PRO HG2  H N N 271 
PRO HG3  H N N 272 
PRO HD2  H N N 273 
PRO HD3  H N N 274 
PRO HXT  H N N 275 
SER N    N N N 276 
SER CA   C N S 277 
SER C    C N N 278 
SER O    O N N 279 
SER CB   C N N 280 
SER OG   O N N 281 
SER OXT  O N N 282 
SER H    H N N 283 
SER H2   H N N 284 
SER HA   H N N 285 
SER HB2  H N N 286 
SER HB3  H N N 287 
SER HG   H N N 288 
SER HXT  H N N 289 
SO4 S    S N N 290 
SO4 O1   O N N 291 
SO4 O2   O N N 292 
SO4 O3   O N N 293 
SO4 O4   O N N 294 
THR N    N N N 295 
THR CA   C N S 296 
THR C    C N N 297 
THR O    O N N 298 
THR CB   C N R 299 
THR OG1  O N N 300 
THR CG2  C N N 301 
THR OXT  O N N 302 
THR H    H N N 303 
THR H2   H N N 304 
THR HA   H N N 305 
THR HB   H N N 306 
THR HG1  H N N 307 
THR HG21 H N N 308 
THR HG22 H N N 309 
THR HG23 H N N 310 
THR HXT  H N N 311 
TRP N    N N N 312 
TRP CA   C N S 313 
TRP C    C N N 314 
TRP O    O N N 315 
TRP CB   C N N 316 
TRP CG   C Y N 317 
TRP CD1  C Y N 318 
TRP CD2  C Y N 319 
TRP NE1  N Y N 320 
TRP CE2  C Y N 321 
TRP CE3  C Y N 322 
TRP CZ2  C Y N 323 
TRP CZ3  C Y N 324 
TRP CH2  C Y N 325 
TRP OXT  O N N 326 
TRP H    H N N 327 
TRP H2   H N N 328 
TRP HA   H N N 329 
TRP HB2  H N N 330 
TRP HB3  H N N 331 
TRP HD1  H N N 332 
TRP HE1  H N N 333 
TRP HE3  H N N 334 
TRP HZ2  H N N 335 
TRP HZ3  H N N 336 
TRP HH2  H N N 337 
TRP HXT  H N N 338 
TYR N    N N N 339 
TYR CA   C N S 340 
TYR C    C N N 341 
TYR O    O N N 342 
TYR CB   C N N 343 
TYR CG   C Y N 344 
TYR CD1  C Y N 345 
TYR CD2  C Y N 346 
TYR CE1  C Y N 347 
TYR CE2  C Y N 348 
TYR CZ   C Y N 349 
TYR OH   O N N 350 
TYR OXT  O N N 351 
TYR H    H N N 352 
TYR H2   H N N 353 
TYR HA   H N N 354 
TYR HB2  H N N 355 
TYR HB3  H N N 356 
TYR HD1  H N N 357 
TYR HD2  H N N 358 
TYR HE1  H N N 359 
TYR HE2  H N N 360 
TYR HH   H N N 361 
TYR HXT  H N N 362 
VAL N    N N N 363 
VAL CA   C N S 364 
VAL C    C N N 365 
VAL O    O N N 366 
VAL CB   C N N 367 
VAL CG1  C N N 368 
VAL CG2  C N N 369 
VAL OXT  O N N 370 
VAL H    H N N 371 
VAL H2   H N N 372 
VAL HA   H N N 373 
VAL HB   H N N 374 
VAL HG11 H N N 375 
VAL HG12 H N N 376 
VAL HG13 H N N 377 
VAL HG21 H N N 378 
VAL HG22 H N N 379 
VAL HG23 H N N 380 
VAL HXT  H N N 381 
# 
loop_
_chem_comp_bond.comp_id 
_chem_comp_bond.atom_id_1 
_chem_comp_bond.atom_id_2 
_chem_comp_bond.value_order 
_chem_comp_bond.pdbx_aromatic_flag 
_chem_comp_bond.pdbx_stereo_config 
_chem_comp_bond.pdbx_ordinal 
ALA N   CA   sing N N 1   
ALA N   H    sing N N 2   
ALA N   H2   sing N N 3   
ALA CA  C    sing N N 4   
ALA CA  CB   sing N N 5   
ALA CA  HA   sing N N 6   
ALA C   O    doub N N 7   
ALA C   OXT  sing N N 8   
ALA CB  HB1  sing N N 9   
ALA CB  HB2  sing N N 10  
ALA CB  HB3  sing N N 11  
ALA OXT HXT  sing N N 12  
ARG N   CA   sing N N 13  
ARG N   H    sing N N 14  
ARG N   H2   sing N N 15  
ARG CA  C    sing N N 16  
ARG CA  CB   sing N N 17  
ARG CA  HA   sing N N 18  
ARG C   O    doub N N 19  
ARG C   OXT  sing N N 20  
ARG CB  CG   sing N N 21  
ARG CB  HB2  sing N N 22  
ARG CB  HB3  sing N N 23  
ARG CG  CD   sing N N 24  
ARG CG  HG2  sing N N 25  
ARG CG  HG3  sing N N 26  
ARG CD  NE   sing N N 27  
ARG CD  HD2  sing N N 28  
ARG CD  HD3  sing N N 29  
ARG NE  CZ   sing N N 30  
ARG NE  HE   sing N N 31  
ARG CZ  NH1  sing N N 32  
ARG CZ  NH2  doub N N 33  
ARG NH1 HH11 sing N N 34  
ARG NH1 HH12 sing N N 35  
ARG NH2 HH21 sing N N 36  
ARG NH2 HH22 sing N N 37  
ARG OXT HXT  sing N N 38  
ASN N   CA   sing N N 39  
ASN N   H    sing N N 40  
ASN N   H2   sing N N 41  
ASN CA  C    sing N N 42  
ASN CA  CB   sing N N 43  
ASN CA  HA   sing N N 44  
ASN C   O    doub N N 45  
ASN C   OXT  sing N N 46  
ASN CB  CG   sing N N 47  
ASN CB  HB2  sing N N 48  
ASN CB  HB3  sing N N 49  
ASN CG  OD1  doub N N 50  
ASN CG  ND2  sing N N 51  
ASN ND2 HD21 sing N N 52  
ASN ND2 HD22 sing N N 53  
ASN OXT HXT  sing N N 54  
ASP N   CA   sing N N 55  
ASP N   H    sing N N 56  
ASP N   H2   sing N N 57  
ASP CA  C    sing N N 58  
ASP CA  CB   sing N N 59  
ASP CA  HA   sing N N 60  
ASP C   O    doub N N 61  
ASP C   OXT  sing N N 62  
ASP CB  CG   sing N N 63  
ASP CB  HB2  sing N N 64  
ASP CB  HB3  sing N N 65  
ASP CG  OD1  doub N N 66  
ASP CG  OD2  sing N N 67  
ASP OD2 HD2  sing N N 68  
ASP OXT HXT  sing N N 69  
GLN N   CA   sing N N 70  
GLN N   H    sing N N 71  
GLN N   H2   sing N N 72  
GLN CA  C    sing N N 73  
GLN CA  CB   sing N N 74  
GLN CA  HA   sing N N 75  
GLN C   O    doub N N 76  
GLN C   OXT  sing N N 77  
GLN CB  CG   sing N N 78  
GLN CB  HB2  sing N N 79  
GLN CB  HB3  sing N N 80  
GLN CG  CD   sing N N 81  
GLN CG  HG2  sing N N 82  
GLN CG  HG3  sing N N 83  
GLN CD  OE1  doub N N 84  
GLN CD  NE2  sing N N 85  
GLN NE2 HE21 sing N N 86  
GLN NE2 HE22 sing N N 87  
GLN OXT HXT  sing N N 88  
GLU N   CA   sing N N 89  
GLU N   H    sing N N 90  
GLU N   H2   sing N N 91  
GLU CA  C    sing N N 92  
GLU CA  CB   sing N N 93  
GLU CA  HA   sing N N 94  
GLU C   O    doub N N 95  
GLU C   OXT  sing N N 96  
GLU CB  CG   sing N N 97  
GLU CB  HB2  sing N N 98  
GLU CB  HB3  sing N N 99  
GLU CG  CD   sing N N 100 
GLU CG  HG2  sing N N 101 
GLU CG  HG3  sing N N 102 
GLU CD  OE1  doub N N 103 
GLU CD  OE2  sing N N 104 
GLU OE2 HE2  sing N N 105 
GLU OXT HXT  sing N N 106 
GLY N   CA   sing N N 107 
GLY N   H    sing N N 108 
GLY N   H2   sing N N 109 
GLY CA  C    sing N N 110 
GLY CA  HA2  sing N N 111 
GLY CA  HA3  sing N N 112 
GLY C   O    doub N N 113 
GLY C   OXT  sing N N 114 
GLY OXT HXT  sing N N 115 
HIS N   CA   sing N N 116 
HIS N   H    sing N N 117 
HIS N   H2   sing N N 118 
HIS CA  C    sing N N 119 
HIS CA  CB   sing N N 120 
HIS CA  HA   sing N N 121 
HIS C   O    doub N N 122 
HIS C   OXT  sing N N 123 
HIS CB  CG   sing N N 124 
HIS CB  HB2  sing N N 125 
HIS CB  HB3  sing N N 126 
HIS CG  ND1  sing Y N 127 
HIS CG  CD2  doub Y N 128 
HIS ND1 CE1  doub Y N 129 
HIS ND1 HD1  sing N N 130 
HIS CD2 NE2  sing Y N 131 
HIS CD2 HD2  sing N N 132 
HIS CE1 NE2  sing Y N 133 
HIS CE1 HE1  sing N N 134 
HIS NE2 HE2  sing N N 135 
HIS OXT HXT  sing N N 136 
HOH O   H1   sing N N 137 
HOH O   H2   sing N N 138 
ILE N   CA   sing N N 139 
ILE N   H    sing N N 140 
ILE N   H2   sing N N 141 
ILE CA  C    sing N N 142 
ILE CA  CB   sing N N 143 
ILE CA  HA   sing N N 144 
ILE C   O    doub N N 145 
ILE C   OXT  sing N N 146 
ILE CB  CG1  sing N N 147 
ILE CB  CG2  sing N N 148 
ILE CB  HB   sing N N 149 
ILE CG1 CD1  sing N N 150 
ILE CG1 HG12 sing N N 151 
ILE CG1 HG13 sing N N 152 
ILE CG2 HG21 sing N N 153 
ILE CG2 HG22 sing N N 154 
ILE CG2 HG23 sing N N 155 
ILE CD1 HD11 sing N N 156 
ILE CD1 HD12 sing N N 157 
ILE CD1 HD13 sing N N 158 
ILE OXT HXT  sing N N 159 
LEU N   CA   sing N N 160 
LEU N   H    sing N N 161 
LEU N   H2   sing N N 162 
LEU CA  C    sing N N 163 
LEU CA  CB   sing N N 164 
LEU CA  HA   sing N N 165 
LEU C   O    doub N N 166 
LEU C   OXT  sing N N 167 
LEU CB  CG   sing N N 168 
LEU CB  HB2  sing N N 169 
LEU CB  HB3  sing N N 170 
LEU CG  CD1  sing N N 171 
LEU CG  CD2  sing N N 172 
LEU CG  HG   sing N N 173 
LEU CD1 HD11 sing N N 174 
LEU CD1 HD12 sing N N 175 
LEU CD1 HD13 sing N N 176 
LEU CD2 HD21 sing N N 177 
LEU CD2 HD22 sing N N 178 
LEU CD2 HD23 sing N N 179 
LEU OXT HXT  sing N N 180 
LYS N   CA   sing N N 181 
LYS N   H    sing N N 182 
LYS N   H2   sing N N 183 
LYS CA  C    sing N N 184 
LYS CA  CB   sing N N 185 
LYS CA  HA   sing N N 186 
LYS C   O    doub N N 187 
LYS C   OXT  sing N N 188 
LYS CB  CG   sing N N 189 
LYS CB  HB2  sing N N 190 
LYS CB  HB3  sing N N 191 
LYS CG  CD   sing N N 192 
LYS CG  HG2  sing N N 193 
LYS CG  HG3  sing N N 194 
LYS CD  CE   sing N N 195 
LYS CD  HD2  sing N N 196 
LYS CD  HD3  sing N N 197 
LYS CE  NZ   sing N N 198 
LYS CE  HE2  sing N N 199 
LYS CE  HE3  sing N N 200 
LYS NZ  HZ1  sing N N 201 
LYS NZ  HZ2  sing N N 202 
LYS NZ  HZ3  sing N N 203 
LYS OXT HXT  sing N N 204 
MET N   CA   sing N N 205 
MET N   H    sing N N 206 
MET N   H2   sing N N 207 
MET CA  C    sing N N 208 
MET CA  CB   sing N N 209 
MET CA  HA   sing N N 210 
MET C   O    doub N N 211 
MET C   OXT  sing N N 212 
MET CB  CG   sing N N 213 
MET CB  HB2  sing N N 214 
MET CB  HB3  sing N N 215 
MET CG  SD   sing N N 216 
MET CG  HG2  sing N N 217 
MET CG  HG3  sing N N 218 
MET SD  CE   sing N N 219 
MET CE  HE1  sing N N 220 
MET CE  HE2  sing N N 221 
MET CE  HE3  sing N N 222 
MET OXT HXT  sing N N 223 
PHE N   CA   sing N N 224 
PHE N   H    sing N N 225 
PHE N   H2   sing N N 226 
PHE CA  C    sing N N 227 
PHE CA  CB   sing N N 228 
PHE CA  HA   sing N N 229 
PHE C   O    doub N N 230 
PHE C   OXT  sing N N 231 
PHE CB  CG   sing N N 232 
PHE CB  HB2  sing N N 233 
PHE CB  HB3  sing N N 234 
PHE CG  CD1  doub Y N 235 
PHE CG  CD2  sing Y N 236 
PHE CD1 CE1  sing Y N 237 
PHE CD1 HD1  sing N N 238 
PHE CD2 CE2  doub Y N 239 
PHE CD2 HD2  sing N N 240 
PHE CE1 CZ   doub Y N 241 
PHE CE1 HE1  sing N N 242 
PHE CE2 CZ   sing Y N 243 
PHE CE2 HE2  sing N N 244 
PHE CZ  HZ   sing N N 245 
PHE OXT HXT  sing N N 246 
PRO N   CA   sing N N 247 
PRO N   CD   sing N N 248 
PRO N   H    sing N N 249 
PRO CA  C    sing N N 250 
PRO CA  CB   sing N N 251 
PRO CA  HA   sing N N 252 
PRO C   O    doub N N 253 
PRO C   OXT  sing N N 254 
PRO CB  CG   sing N N 255 
PRO CB  HB2  sing N N 256 
PRO CB  HB3  sing N N 257 
PRO CG  CD   sing N N 258 
PRO CG  HG2  sing N N 259 
PRO CG  HG3  sing N N 260 
PRO CD  HD2  sing N N 261 
PRO CD  HD3  sing N N 262 
PRO OXT HXT  sing N N 263 
SER N   CA   sing N N 264 
SER N   H    sing N N 265 
SER N   H2   sing N N 266 
SER CA  C    sing N N 267 
SER CA  CB   sing N N 268 
SER CA  HA   sing N N 269 
SER C   O    doub N N 270 
SER C   OXT  sing N N 271 
SER CB  OG   sing N N 272 
SER CB  HB2  sing N N 273 
SER CB  HB3  sing N N 274 
SER OG  HG   sing N N 275 
SER OXT HXT  sing N N 276 
SO4 S   O1   doub N N 277 
SO4 S   O2   doub N N 278 
SO4 S   O3   sing N N 279 
SO4 S   O4   sing N N 280 
THR N   CA   sing N N 281 
THR N   H    sing N N 282 
THR N   H2   sing N N 283 
THR CA  C    sing N N 284 
THR CA  CB   sing N N 285 
THR CA  HA   sing N N 286 
THR C   O    doub N N 287 
THR C   OXT  sing N N 288 
THR CB  OG1  sing N N 289 
THR CB  CG2  sing N N 290 
THR CB  HB   sing N N 291 
THR OG1 HG1  sing N N 292 
THR CG2 HG21 sing N N 293 
THR CG2 HG22 sing N N 294 
THR CG2 HG23 sing N N 295 
THR OXT HXT  sing N N 296 
TRP N   CA   sing N N 297 
TRP N   H    sing N N 298 
TRP N   H2   sing N N 299 
TRP CA  C    sing N N 300 
TRP CA  CB   sing N N 301 
TRP CA  HA   sing N N 302 
TRP C   O    doub N N 303 
TRP C   OXT  sing N N 304 
TRP CB  CG   sing N N 305 
TRP CB  HB2  sing N N 306 
TRP CB  HB3  sing N N 307 
TRP CG  CD1  doub Y N 308 
TRP CG  CD2  sing Y N 309 
TRP CD1 NE1  sing Y N 310 
TRP CD1 HD1  sing N N 311 
TRP CD2 CE2  doub Y N 312 
TRP CD2 CE3  sing Y N 313 
TRP NE1 CE2  sing Y N 314 
TRP NE1 HE1  sing N N 315 
TRP CE2 CZ2  sing Y N 316 
TRP CE3 CZ3  doub Y N 317 
TRP CE3 HE3  sing N N 318 
TRP CZ2 CH2  doub Y N 319 
TRP CZ2 HZ2  sing N N 320 
TRP CZ3 CH2  sing Y N 321 
TRP CZ3 HZ3  sing N N 322 
TRP CH2 HH2  sing N N 323 
TRP OXT HXT  sing N N 324 
TYR N   CA   sing N N 325 
TYR N   H    sing N N 326 
TYR N   H2   sing N N 327 
TYR CA  C    sing N N 328 
TYR CA  CB   sing N N 329 
TYR CA  HA   sing N N 330 
TYR C   O    doub N N 331 
TYR C   OXT  sing N N 332 
TYR CB  CG   sing N N 333 
TYR CB  HB2  sing N N 334 
TYR CB  HB3  sing N N 335 
TYR CG  CD1  doub Y N 336 
TYR CG  CD2  sing Y N 337 
TYR CD1 CE1  sing Y N 338 
TYR CD1 HD1  sing N N 339 
TYR CD2 CE2  doub Y N 340 
TYR CD2 HD2  sing N N 341 
TYR CE1 CZ   doub Y N 342 
TYR CE1 HE1  sing N N 343 
TYR CE2 CZ   sing Y N 344 
TYR CE2 HE2  sing N N 345 
TYR CZ  OH   sing N N 346 
TYR OH  HH   sing N N 347 
TYR OXT HXT  sing N N 348 
VAL N   CA   sing N N 349 
VAL N   H    sing N N 350 
VAL N   H2   sing N N 351 
VAL CA  C    sing N N 352 
VAL CA  CB   sing N N 353 
VAL CA  HA   sing N N 354 
VAL C   O    doub N N 355 
VAL C   OXT  sing N N 356 
VAL CB  CG1  sing N N 357 
VAL CB  CG2  sing N N 358 
VAL CB  HB   sing N N 359 
VAL CG1 HG11 sing N N 360 
VAL CG1 HG12 sing N N 361 
VAL CG1 HG13 sing N N 362 
VAL CG2 HG21 sing N N 363 
VAL CG2 HG22 sing N N 364 
VAL CG2 HG23 sing N N 365 
VAL OXT HXT  sing N N 366 
# 
loop_
_pdbx_entity_nonpoly.entity_id 
_pdbx_entity_nonpoly.name 
_pdbx_entity_nonpoly.comp_id 
3 'SULFATE ION' SO4 
4 water         HOH 
# 
_pdbx_initial_refinement_model.id               1 
_pdbx_initial_refinement_model.entity_id_list   ? 
_pdbx_initial_refinement_model.type             'experimental model' 
_pdbx_initial_refinement_model.source_name      PDB 
_pdbx_initial_refinement_model.accession_code   2QK6 
_pdbx_initial_refinement_model.details          'PDB ENTRY 2QK6' 
# 
